data_7NXJ
#
_entry.id   7NXJ
#
_cell.length_a   49.880
_cell.length_b   149.450
_cell.length_c   92.010
_cell.angle_alpha   90.00
_cell.angle_beta   94.61
_cell.angle_gamma   90.00
#
_symmetry.space_group_name_H-M   'P 1 21 1'
#
loop_
_entity.id
_entity.type
_entity.pdbx_description
1 polymer 'Cyclin-dependent kinase 13'
2 polymer Cyclin-K
3 non-polymer N-[4-[(3R)-3-[[5-chloranyl-4-(1H-indol-3-yl)pyrimidin-2-yl]amino]piperidin-1-yl]carbonylphenyl]-4-(dimethylamino)butanamide
4 water water
#
loop_
_entity_poly.entity_id
_entity_poly.type
_entity_poly.pdbx_seq_one_letter_code
_entity_poly.pdbx_strand_id
1 'polypeptide(L)'
;GDIDWGKRCVDKFDIIGIIGEGTYGQVYKARDKDTGEMVALKKVRLDNEKEGFPITAIREIKILRQLTHQSIINMKEIVT
DKEDALDFKKDKGAFYLVFEYMDHDLMGLLESGLVHFNENHIKSFMRQLMEGLDYCHKKNFLHRDIKCSNILLNNRGQIK
LADFGLARLYSSEESRPY(TPO)NKVITLWYRPPELLLGEERYTPAIDVWSCGCILGELFTKKPIFQANQELAQLELISR
ICGSPCPAVWPDVIKLPYFNTMKPKKQYRRKLREEFVFIPAAALDLFDYMLALDPSKRCTAEQALQCEFLRDVEPSKMPP
PDLPLWQDCHELWSKKRRRQKQMGMTDDVST
;
A,C
2 'polypeptide(L)'
;GMKENKENSSPSVTSANLDHTKPCWYWDKKDLAHTPSQLEGLDPATEARYRREGARFIFDVGTRLGLHYDTLATGIIYFH
RFYMFHSFKQFPRYVTGACCLFLAGKVEETPKKCKDIIKTARSLLNDVQFGQFGDDPKEEVMVLERILLQTIKFDLQVEH
PYQFLLKYAKQLKGDKNKIQKLVQMAWTFVNDSLCTTLSLQWEPEIIAVAVMYLAGRLCKFEIQEWTSKPMYRRWWEQFV
QDVPVDVLEDICHQILDLYSQGKQQMPH
;
B,D
#
loop_
_chem_comp.id
_chem_comp.type
_chem_comp.name
_chem_comp.formula
5I1 non-polymer N-[4-[(3R)-3-[[5-chloranyl-4-(1H-indol-3-yl)pyrimidin-2-yl]amino]piperidin-1-yl]carbonylphenyl]-4-(dimethylamino)butanamide 'C30 H34 Cl N7 O2'
#
# COMPACT_ATOMS: atom_id res chain seq x y z
N ILE A 3 -23.44 1.26 -34.72
CA ILE A 3 -22.07 0.75 -34.42
C ILE A 3 -21.38 0.40 -35.74
N ASP A 4 -21.39 -0.89 -36.08
CA ASP A 4 -20.60 -1.45 -37.19
C ASP A 4 -19.11 -1.31 -36.88
N TRP A 5 -18.75 -1.30 -35.59
CA TRP A 5 -17.32 -1.11 -35.20
C TRP A 5 -16.52 -2.35 -35.60
N GLY A 6 -15.74 -2.23 -36.67
CA GLY A 6 -14.91 -3.33 -37.12
C GLY A 6 -15.28 -3.94 -38.47
N LYS A 7 -16.47 -3.67 -39.00
CA LYS A 7 -16.81 -4.45 -40.18
C LYS A 7 -16.46 -3.74 -41.49
N ARG A 8 -16.60 -2.41 -41.57
CA ARG A 8 -16.40 -1.78 -42.87
C ARG A 8 -14.93 -1.82 -43.29
N CYS A 9 -14.71 -1.60 -44.58
CA CYS A 9 -13.45 -1.89 -45.25
C CYS A 9 -12.59 -0.65 -45.44
N VAL A 10 -11.30 -0.89 -45.70
CA VAL A 10 -10.33 0.18 -45.88
C VAL A 10 -10.52 0.92 -47.20
N ASP A 11 -11.10 0.27 -48.22
CA ASP A 11 -11.32 0.95 -49.49
C ASP A 11 -12.24 2.15 -49.34
N LYS A 12 -13.02 2.22 -48.27
CA LYS A 12 -13.82 3.41 -48.03
C LYS A 12 -12.98 4.58 -47.54
N PHE A 13 -11.65 4.40 -47.49
CA PHE A 13 -10.71 5.46 -47.17
C PHE A 13 -9.66 5.52 -48.26
N ASP A 14 -9.20 6.73 -48.58
CA ASP A 14 -8.14 6.94 -49.56
C ASP A 14 -6.85 7.29 -48.80
N ILE A 15 -5.87 6.39 -48.87
CA ILE A 15 -4.61 6.64 -48.19
C ILE A 15 -3.84 7.70 -48.97
N ILE A 16 -3.29 8.69 -48.25
CA ILE A 16 -2.52 9.76 -48.87
C ILE A 16 -1.02 9.50 -48.74
N GLY A 17 -0.61 8.91 -47.63
CA GLY A 17 0.80 8.60 -47.45
C GLY A 17 1.04 8.15 -46.03
N ILE A 18 2.29 7.75 -45.79
CA ILE A 18 2.71 7.31 -44.46
C ILE A 18 3.13 8.53 -43.66
N ILE A 19 2.57 8.66 -42.45
CA ILE A 19 2.92 9.76 -41.57
C ILE A 19 3.94 9.36 -40.52
N GLY A 20 4.03 8.08 -40.17
CA GLY A 20 5.05 7.63 -39.23
C GLY A 20 4.84 6.18 -38.86
N GLU A 21 5.47 5.78 -37.75
CA GLU A 21 5.43 4.42 -37.24
C GLU A 21 4.99 4.45 -35.79
N GLY A 22 4.08 3.54 -35.42
CA GLY A 22 3.57 3.47 -34.08
C GLY A 22 4.12 2.28 -33.32
N THR A 23 3.43 1.94 -32.22
CA THR A 23 3.88 0.86 -31.35
C THR A 23 3.51 -0.52 -31.88
N TYR A 24 2.55 -0.62 -32.79
CA TYR A 24 2.11 -1.93 -33.28
C TYR A 24 1.86 -1.91 -34.78
N GLY A 25 2.52 -1.01 -35.50
CA GLY A 25 2.40 -0.97 -36.95
C GLY A 25 2.55 0.44 -37.47
N GLN A 26 2.39 0.56 -38.79
CA GLN A 26 2.51 1.83 -39.48
C GLN A 26 1.27 2.69 -39.25
N VAL A 27 1.41 3.98 -39.52
CA VAL A 27 0.34 4.95 -39.34
C VAL A 27 0.21 5.77 -40.62
N TYR A 28 -1.01 5.87 -41.14
CA TYR A 28 -1.27 6.47 -42.44
C TYR A 28 -2.15 7.69 -42.31
N LYS A 29 -1.83 8.71 -43.10
CA LYS A 29 -2.78 9.77 -43.40
C LYS A 29 -3.73 9.27 -44.48
N ALA A 30 -5.03 9.51 -44.29
CA ALA A 30 -6.00 8.93 -45.21
C ALA A 30 -7.16 9.90 -45.42
N ARG A 31 -7.82 9.75 -46.56
CA ARG A 31 -8.94 10.60 -46.95
C ARG A 31 -10.20 9.75 -47.01
N ASP A 32 -11.24 10.18 -46.29
CA ASP A 32 -12.50 9.49 -46.34
C ASP A 32 -13.22 9.79 -47.66
N LYS A 33 -13.73 8.74 -48.29
CA LYS A 33 -14.41 8.91 -49.57
C LYS A 33 -15.65 9.80 -49.42
N ASP A 34 -16.46 9.54 -48.39
CA ASP A 34 -17.81 10.08 -48.26
C ASP A 34 -17.93 11.29 -47.33
N THR A 35 -17.47 11.15 -46.09
CA THR A 35 -17.71 12.21 -45.08
C THR A 35 -17.09 13.54 -45.46
N GLY A 36 -15.94 13.53 -46.13
CA GLY A 36 -15.29 14.82 -46.36
C GLY A 36 -14.44 15.26 -45.17
N GLU A 37 -14.17 14.35 -44.22
CA GLU A 37 -13.26 14.68 -43.10
C GLU A 37 -11.98 13.84 -43.23
N MET A 38 -10.85 14.35 -42.74
CA MET A 38 -9.58 13.64 -42.87
C MET A 38 -9.32 12.79 -41.63
N VAL A 39 -8.62 11.68 -41.82
CA VAL A 39 -8.36 10.75 -40.72
C VAL A 39 -6.91 10.27 -40.75
N ALA A 40 -6.48 9.70 -39.62
CA ALA A 40 -5.22 8.99 -39.50
C ALA A 40 -5.52 7.54 -39.12
N LEU A 41 -4.88 6.60 -39.81
CA LEU A 41 -5.14 5.17 -39.64
C LEU A 41 -3.93 4.50 -39.00
N LYS A 42 -4.09 4.00 -37.78
CA LYS A 42 -3.07 3.19 -37.13
C LYS A 42 -3.30 1.73 -37.49
N LYS A 43 -2.41 1.18 -38.31
CA LYS A 43 -2.54 -0.17 -38.84
C LYS A 43 -2.09 -1.21 -37.82
N VAL A 44 -2.90 -2.26 -37.64
CA VAL A 44 -2.63 -3.32 -36.68
C VAL A 44 -2.44 -4.62 -37.45
N ARG A 45 -1.18 -5.00 -37.67
CA ARG A 45 -0.87 -6.33 -38.22
C ARG A 45 -1.01 -7.36 -37.10
N LEU A 46 -1.52 -8.53 -37.47
CA LEU A 46 -1.72 -9.64 -36.51
C LEU A 46 -0.94 -10.85 -36.99
N ASP A 47 -0.46 -11.70 -36.10
CA ASP A 47 0.22 -12.98 -36.46
C ASP A 47 1.68 -12.74 -36.84
N ASN A 48 2.08 -11.49 -37.05
CA ASN A 48 3.53 -11.22 -37.22
C ASN A 48 4.05 -11.60 -35.84
N GLU A 49 3.27 -11.24 -34.82
CA GLU A 49 3.57 -11.67 -33.44
C GLU A 49 2.72 -12.93 -33.23
N LYS A 50 3.33 -14.01 -32.77
CA LYS A 50 2.62 -15.33 -32.60
C LYS A 50 1.51 -15.27 -31.56
N GLU A 51 1.21 -14.10 -30.99
CA GLU A 51 0.13 -13.99 -30.01
C GLU A 51 -1.07 -13.22 -30.56
N GLY A 52 -1.15 -13.02 -31.88
CA GLY A 52 -2.34 -12.48 -32.50
C GLY A 52 -2.52 -10.99 -32.33
N PHE A 53 -3.77 -10.56 -32.13
CA PHE A 53 -4.08 -9.16 -31.97
C PHE A 53 -3.32 -8.58 -30.78
N PRO A 54 -2.43 -7.61 -31.00
CA PRO A 54 -1.54 -7.17 -29.92
C PRO A 54 -2.30 -6.57 -28.74
N ILE A 55 -1.85 -6.93 -27.53
CA ILE A 55 -2.49 -6.43 -26.32
C ILE A 55 -2.31 -4.93 -26.18
N THR A 56 -1.29 -4.36 -26.82
CA THR A 56 -1.11 -2.91 -26.77
C THR A 56 -2.26 -2.19 -27.44
N ALA A 57 -2.76 -2.74 -28.56
CA ALA A 57 -3.94 -2.16 -29.21
C ALA A 57 -5.19 -2.39 -28.36
N ILE A 58 -5.35 -3.59 -27.81
CA ILE A 58 -6.51 -3.88 -26.97
C ILE A 58 -6.64 -2.86 -25.86
N ARG A 59 -5.52 -2.56 -25.19
CA ARG A 59 -5.57 -1.59 -24.09
C ARG A 59 -5.92 -0.20 -24.61
N GLU A 60 -5.33 0.21 -25.74
CA GLU A 60 -5.64 1.53 -26.28
C GLU A 60 -7.10 1.60 -26.73
N ILE A 61 -7.58 0.56 -27.40
CA ILE A 61 -8.98 0.53 -27.83
C ILE A 61 -9.89 0.57 -26.61
N LYS A 62 -9.58 -0.24 -25.60
CA LYS A 62 -10.45 -0.35 -24.43
C LYS A 62 -10.52 0.98 -23.68
N ILE A 63 -9.42 1.73 -23.64
CA ILE A 63 -9.41 2.99 -22.90
C ILE A 63 -10.07 4.10 -23.70
N LEU A 64 -9.80 4.15 -25.01
CA LEU A 64 -10.30 5.25 -25.82
C LEU A 64 -11.82 5.22 -26.01
N ARG A 65 -12.46 4.06 -25.81
CA ARG A 65 -13.92 4.00 -25.88
C ARG A 65 -14.59 4.59 -24.65
N GLN A 66 -13.89 4.72 -23.52
CA GLN A 66 -14.46 5.32 -22.32
C GLN A 66 -14.10 6.79 -22.17
N LEU A 67 -13.22 7.33 -23.01
CA LEU A 67 -12.83 8.73 -22.95
C LEU A 67 -13.32 9.43 -24.21
N THR A 68 -14.20 10.42 -24.03
CA THR A 68 -14.70 11.26 -25.12
C THR A 68 -14.66 12.70 -24.63
N HIS A 69 -13.81 13.52 -25.26
CA HIS A 69 -13.63 14.90 -24.83
C HIS A 69 -13.04 15.69 -25.98
N GLN A 70 -13.34 16.99 -26.02
CA GLN A 70 -12.88 17.83 -27.12
C GLN A 70 -11.37 17.96 -27.16
N SER A 71 -10.68 17.74 -26.05
CA SER A 71 -9.23 17.83 -25.97
C SER A 71 -8.55 16.47 -25.95
N ILE A 72 -9.28 15.40 -26.24
CA ILE A 72 -8.73 14.06 -26.31
C ILE A 72 -8.78 13.58 -27.75
N ILE A 73 -7.73 12.86 -28.19
CA ILE A 73 -7.73 12.33 -29.54
C ILE A 73 -8.96 11.48 -29.74
N ASN A 74 -9.64 11.67 -30.86
CA ASN A 74 -10.92 11.03 -31.12
C ASN A 74 -10.71 9.83 -32.05
N MET A 75 -10.84 8.62 -31.50
CA MET A 75 -10.90 7.42 -32.31
C MET A 75 -12.32 7.24 -32.84
N LYS A 76 -12.48 7.27 -34.16
CA LYS A 76 -13.80 7.27 -34.75
C LYS A 76 -14.37 5.87 -34.93
N GLU A 77 -13.55 4.89 -35.30
CA GLU A 77 -14.04 3.54 -35.57
C GLU A 77 -12.82 2.63 -35.77
N ILE A 78 -13.10 1.38 -36.16
CA ILE A 78 -12.08 0.41 -36.53
C ILE A 78 -12.54 -0.27 -37.81
N VAL A 79 -11.72 -0.23 -38.85
CA VAL A 79 -12.03 -0.85 -40.13
C VAL A 79 -11.07 -2.02 -40.36
N THR A 80 -11.34 -2.78 -41.42
CA THR A 80 -10.58 -3.99 -41.73
C THR A 80 -10.29 -4.07 -43.23
N ASP A 81 -9.33 -4.92 -43.59
CA ASP A 81 -8.97 -5.06 -45.03
C ASP A 81 -10.15 -5.71 -45.79
N LYS A 82 -10.86 -6.62 -45.11
CA LYS A 82 -12.06 -7.36 -45.58
C LYS A 82 -11.71 -8.57 -46.47
N GLU A 83 -12.71 -9.36 -46.83
CA GLU A 83 -12.57 -10.59 -47.67
C GLU A 83 -11.63 -11.59 -46.99
N ASP A 84 -11.74 -11.72 -45.67
CA ASP A 84 -10.90 -12.67 -44.90
C ASP A 84 -11.09 -14.07 -45.49
N LYS A 89 -11.98 -16.52 -42.37
CA LYS A 89 -10.66 -17.13 -42.66
C LYS A 89 -9.74 -16.09 -43.29
N LYS A 90 -8.56 -16.56 -43.73
CA LYS A 90 -7.54 -15.70 -44.42
C LYS A 90 -6.88 -14.73 -43.45
N ASP A 91 -5.70 -15.10 -42.98
CA ASP A 91 -4.93 -14.27 -42.02
C ASP A 91 -4.48 -12.96 -42.70
N LYS A 92 -4.76 -12.80 -43.99
CA LYS A 92 -4.26 -11.59 -44.70
C LYS A 92 -4.86 -10.34 -44.08
N GLY A 93 -6.15 -10.36 -43.74
CA GLY A 93 -6.85 -9.16 -43.25
C GLY A 93 -6.22 -8.50 -42.04
N ALA A 94 -5.94 -7.20 -42.11
CA ALA A 94 -5.42 -6.44 -40.95
C ALA A 94 -6.45 -5.40 -40.49
N PHE A 95 -6.28 -4.90 -39.26
CA PHE A 95 -7.17 -3.92 -38.68
C PHE A 95 -6.54 -2.53 -38.70
N TYR A 96 -7.40 -1.51 -38.66
CA TYR A 96 -6.98 -0.12 -38.73
C TYR A 96 -7.81 0.68 -37.74
N LEU A 97 -7.13 1.37 -36.81
CA LEU A 97 -7.78 2.28 -35.88
C LEU A 97 -7.91 3.65 -36.55
N VAL A 98 -9.14 4.17 -36.57
CA VAL A 98 -9.45 5.41 -37.27
C VAL A 98 -9.48 6.55 -36.27
N PHE A 99 -8.57 7.52 -36.45
CA PHE A 99 -8.52 8.71 -35.63
C PHE A 99 -8.78 9.94 -36.50
N GLU A 100 -9.34 10.97 -35.89
CA GLU A 100 -9.42 12.27 -36.54
C GLU A 100 -8.01 12.78 -36.81
N TYR A 101 -7.80 13.34 -38.01
CA TYR A 101 -6.48 13.79 -38.39
C TYR A 101 -6.12 15.08 -37.67
N MET A 102 -4.93 15.11 -37.08
CA MET A 102 -4.37 16.33 -36.52
C MET A 102 -3.18 16.76 -37.36
N ASP A 103 -2.93 18.07 -37.40
CA ASP A 103 -1.97 18.62 -38.33
C ASP A 103 -0.54 18.66 -37.79
N HIS A 104 -0.36 18.88 -36.49
CA HIS A 104 0.98 19.01 -35.93
C HIS A 104 1.05 18.28 -34.60
N ASP A 105 2.28 18.08 -34.14
CA ASP A 105 2.57 17.79 -32.75
C ASP A 105 3.44 18.92 -32.21
N LEU A 106 3.38 19.11 -30.89
CA LEU A 106 4.05 20.26 -30.29
C LEU A 106 5.56 20.21 -30.52
N MET A 107 6.14 19.01 -30.49
CA MET A 107 7.59 18.89 -30.63
C MET A 107 8.04 19.30 -32.03
N GLY A 108 7.34 18.82 -33.06
CA GLY A 108 7.66 19.23 -34.42
C GLY A 108 7.40 20.70 -34.66
N LEU A 109 6.37 21.25 -34.01
CA LEU A 109 6.06 22.67 -34.18
C LEU A 109 7.18 23.54 -33.61
N LEU A 110 7.73 23.15 -32.47
CA LEU A 110 8.77 23.95 -31.83
C LEU A 110 10.14 23.78 -32.46
N GLU A 111 10.47 22.58 -32.95
CA GLU A 111 11.77 22.41 -33.56
C GLU A 111 11.83 22.93 -34.99
N SER A 112 10.70 23.30 -35.58
CA SER A 112 10.77 23.91 -36.90
C SER A 112 11.43 25.28 -36.82
N GLY A 113 11.38 25.94 -35.66
CA GLY A 113 11.94 27.26 -35.56
C GLY A 113 11.13 28.33 -36.24
N LEU A 114 9.92 28.00 -36.68
CA LEU A 114 9.16 28.88 -37.56
C LEU A 114 7.99 29.59 -36.89
N VAL A 115 7.53 29.11 -35.74
CA VAL A 115 6.38 29.67 -35.04
C VAL A 115 6.81 30.15 -33.67
N HIS A 116 6.24 31.28 -33.24
CA HIS A 116 6.49 31.85 -31.92
C HIS A 116 5.16 31.95 -31.18
N PHE A 117 5.12 31.38 -29.96
CA PHE A 117 3.94 31.42 -29.11
C PHE A 117 4.07 32.56 -28.11
N ASN A 118 3.12 33.50 -28.15
CA ASN A 118 3.06 34.54 -27.13
C ASN A 118 2.29 34.03 -25.92
N GLU A 119 2.07 34.91 -24.95
CA GLU A 119 1.42 34.50 -23.70
C GLU A 119 0.00 34.00 -23.95
N ASN A 120 -0.76 34.70 -24.80
CA ASN A 120 -2.15 34.29 -25.02
C ASN A 120 -2.23 32.94 -25.71
N HIS A 121 -1.28 32.62 -26.59
CA HIS A 121 -1.26 31.30 -27.21
C HIS A 121 -1.07 30.21 -26.18
N ILE A 122 -0.12 30.40 -25.27
CA ILE A 122 0.11 29.40 -24.22
C ILE A 122 -1.08 29.33 -23.27
N LYS A 123 -1.75 30.46 -23.05
CA LYS A 123 -2.96 30.45 -22.23
C LYS A 123 -4.00 29.49 -22.79
N SER A 124 -4.29 29.59 -24.09
CA SER A 124 -5.30 28.73 -24.71
C SER A 124 -4.84 27.27 -24.72
N PHE A 125 -3.57 27.02 -25.02
CA PHE A 125 -3.09 25.65 -25.09
C PHE A 125 -3.18 24.95 -23.74
N MET A 126 -2.67 25.60 -22.69
CA MET A 126 -2.71 24.98 -21.37
C MET A 126 -4.14 24.81 -20.88
N ARG A 127 -5.02 25.75 -21.21
CA ARG A 127 -6.42 25.61 -20.84
C ARG A 127 -7.01 24.34 -21.45
N GLN A 128 -6.80 24.14 -22.75
CA GLN A 128 -7.31 22.94 -23.40
C GLN A 128 -6.63 21.68 -22.86
N LEU A 129 -5.32 21.76 -22.62
CA LEU A 129 -4.58 20.59 -22.13
C LEU A 129 -5.04 20.20 -20.73
N MET A 130 -5.18 21.19 -19.84
CA MET A 130 -5.58 20.88 -18.46
C MET A 130 -7.04 20.46 -18.39
N GLU A 131 -7.89 20.99 -19.28
CA GLU A 131 -9.28 20.54 -19.34
C GLU A 131 -9.33 19.07 -19.73
N GLY A 132 -8.59 18.68 -20.78
CA GLY A 132 -8.59 17.29 -21.20
C GLY A 132 -8.01 16.35 -20.15
N LEU A 133 -6.96 16.79 -19.46
CA LEU A 133 -6.36 15.94 -18.43
C LEU A 133 -7.26 15.82 -17.21
N ASP A 134 -7.95 16.90 -16.85
CA ASP A 134 -8.92 16.83 -15.76
C ASP A 134 -10.00 15.81 -16.07
N TYR A 135 -10.48 15.78 -17.31
CA TYR A 135 -11.48 14.79 -17.70
C TYR A 135 -10.94 13.37 -17.51
N CYS A 136 -9.67 13.15 -17.87
CA CYS A 136 -9.07 11.84 -17.67
C CYS A 136 -8.89 11.52 -16.19
N HIS A 137 -8.62 12.54 -15.37
CA HIS A 137 -8.37 12.33 -13.95
C HIS A 137 -9.64 12.28 -13.10
N LYS A 138 -10.77 12.80 -13.61
CA LYS A 138 -12.03 12.61 -12.89
C LYS A 138 -12.60 11.23 -13.17
N LYS A 139 -12.49 10.77 -14.41
CA LYS A 139 -12.39 9.34 -14.62
C LYS A 139 -11.07 8.87 -13.99
N ASN A 140 -10.94 7.56 -13.82
CA ASN A 140 -9.82 7.02 -13.06
C ASN A 140 -8.75 6.49 -14.01
N PHE A 141 -8.16 7.42 -14.76
CA PHE A 141 -7.16 7.09 -15.78
C PHE A 141 -5.92 7.95 -15.61
N LEU A 142 -4.76 7.31 -15.68
CA LEU A 142 -3.47 7.98 -15.76
C LEU A 142 -2.92 7.86 -17.17
N HIS A 143 -2.37 8.94 -17.70
CA HIS A 143 -1.84 8.91 -19.05
C HIS A 143 -0.45 8.26 -19.09
N ARG A 144 0.47 8.75 -18.25
CA ARG A 144 1.79 8.17 -18.07
C ARG A 144 2.65 8.23 -19.34
N ASP A 145 2.31 9.12 -20.28
CA ASP A 145 3.17 9.29 -21.45
C ASP A 145 3.00 10.68 -22.06
N ILE A 146 2.69 11.68 -21.25
CA ILE A 146 2.56 13.04 -21.75
C ILE A 146 3.93 13.58 -22.11
N LYS A 147 4.05 14.13 -23.31
CA LYS A 147 5.26 14.79 -23.76
C LYS A 147 4.91 15.63 -24.98
N CYS A 148 5.88 16.41 -25.45
CA CYS A 148 5.59 17.34 -26.53
C CYS A 148 5.15 16.61 -27.80
N SER A 149 5.69 15.42 -28.06
CA SER A 149 5.33 14.68 -29.26
C SER A 149 3.95 14.04 -29.17
N ASN A 150 3.35 13.96 -27.99
CA ASN A 150 2.03 13.39 -27.82
C ASN A 150 0.93 14.44 -27.69
N ILE A 151 1.27 15.72 -27.82
CA ILE A 151 0.30 16.80 -27.80
C ILE A 151 0.07 17.24 -29.24
N LEU A 152 -1.11 16.96 -29.77
CA LEU A 152 -1.43 17.20 -31.17
C LEU A 152 -2.19 18.51 -31.31
N LEU A 153 -2.04 19.14 -32.48
CA LEU A 153 -2.62 20.45 -32.72
C LEU A 153 -2.99 20.57 -34.20
N ASN A 154 -4.22 21.00 -34.46
CA ASN A 154 -4.67 21.20 -35.84
C ASN A 154 -4.51 22.67 -36.22
N ASN A 155 -5.02 23.02 -37.40
CA ASN A 155 -4.91 24.39 -37.91
C ASN A 155 -6.04 25.30 -37.41
N ARG A 156 -7.10 24.74 -36.84
CA ARG A 156 -8.14 25.54 -36.20
C ARG A 156 -7.73 26.00 -34.80
N GLY A 157 -6.55 25.61 -34.33
CA GLY A 157 -6.08 26.01 -33.02
C GLY A 157 -6.49 25.14 -31.87
N GLN A 158 -6.91 23.90 -32.13
CA GLN A 158 -7.45 23.03 -31.10
C GLN A 158 -6.38 22.05 -30.60
N ILE A 159 -6.17 22.03 -29.28
CA ILE A 159 -5.22 21.12 -28.64
C ILE A 159 -5.94 19.80 -28.34
N LYS A 160 -5.27 18.69 -28.63
CA LYS A 160 -5.82 17.37 -28.34
C LYS A 160 -4.73 16.44 -27.84
N LEU A 161 -5.03 15.69 -26.77
CA LEU A 161 -4.11 14.78 -26.13
C LEU A 161 -4.23 13.39 -26.77
N ALA A 162 -3.09 12.76 -27.06
CA ALA A 162 -3.08 11.49 -27.77
C ALA A 162 -2.14 10.50 -27.11
N ASP A 163 -2.02 9.32 -27.74
CA ASP A 163 -1.11 8.25 -27.33
C ASP A 163 -1.47 7.72 -25.93
N PHE A 164 -2.64 7.09 -25.88
CA PHE A 164 -3.14 6.46 -24.66
C PHE A 164 -2.73 5.00 -24.53
N GLY A 165 -1.74 4.55 -25.31
CA GLY A 165 -1.33 3.16 -25.23
C GLY A 165 -0.79 2.79 -23.85
N LEU A 166 -0.06 3.69 -23.22
CA LEU A 166 0.52 3.44 -21.91
C LEU A 166 -0.40 3.83 -20.75
N ALA A 167 -1.63 4.24 -21.04
CA ALA A 167 -2.54 4.63 -19.97
C ALA A 167 -3.04 3.40 -19.22
N ARG A 168 -3.50 3.64 -17.99
CA ARG A 168 -4.06 2.55 -17.20
C ARG A 168 -4.97 3.15 -16.13
N LEU A 169 -5.89 2.32 -15.65
CA LEU A 169 -6.85 2.74 -14.63
C LEU A 169 -6.22 2.68 -13.25
N TYR A 170 -6.49 3.71 -12.44
CA TYR A 170 -5.97 3.75 -11.05
C TYR A 170 -7.13 3.92 -10.08
N SER A 171 -6.94 3.47 -8.85
CA SER A 171 -7.97 3.65 -7.80
C SER A 171 -7.43 4.71 -6.84
N SER A 172 -8.25 5.69 -6.48
CA SER A 172 -7.75 6.85 -5.69
C SER A 172 -7.23 6.46 -4.31
N GLU A 173 -6.07 7.03 -3.92
CA GLU A 173 -5.47 6.79 -2.58
C GLU A 173 -5.64 5.33 -2.18
N GLU A 174 -5.70 4.44 -3.17
CA GLU A 174 -5.81 2.98 -2.90
C GLU A 174 -4.41 2.38 -2.77
N SER A 175 -4.32 1.17 -2.23
CA SER A 175 -2.98 0.58 -2.08
C SER A 175 -2.73 -0.51 -3.12
N ARG A 176 -2.47 -0.07 -4.36
CA ARG A 176 -2.16 -1.04 -5.43
C ARG A 176 -0.98 -0.58 -6.27
N PRO A 177 -0.04 -1.50 -6.55
CA PRO A 177 1.20 -1.10 -7.24
C PRO A 177 1.15 -1.07 -8.77
N TYR A 178 2.02 -0.23 -9.36
CA TYR A 178 2.09 -0.06 -10.83
C TYR A 178 3.50 -0.26 -11.38
N TPO A 179 3.65 0.05 -12.67
CA TPO A 179 4.93 -0.03 -13.37
CB TPO A 179 4.72 -0.26 -14.88
CG2 TPO A 179 6.07 -0.26 -15.61
OG1 TPO A 179 4.10 -1.53 -15.08
P TPO A 179 2.61 -1.29 -15.66
O1P TPO A 179 1.70 -0.53 -14.56
O2P TPO A 179 1.96 -2.73 -15.98
O3P TPO A 179 2.66 -0.49 -16.89
C TPO A 179 5.75 1.24 -13.12
O TPO A 179 5.21 2.34 -13.21
N ASN A 180 7.04 1.09 -12.85
CA ASN A 180 7.83 2.23 -12.37
C ASN A 180 8.35 3.17 -13.46
N LYS A 181 8.88 2.61 -14.55
CA LYS A 181 9.45 3.40 -15.63
C LYS A 181 8.39 3.60 -16.69
N VAL A 182 7.63 4.69 -16.57
CA VAL A 182 6.43 4.91 -17.36
C VAL A 182 6.58 6.10 -18.30
N ILE A 183 7.10 7.22 -17.80
CA ILE A 183 7.18 8.45 -18.59
C ILE A 183 8.59 8.60 -19.14
N THR A 184 8.70 9.17 -20.34
CA THR A 184 9.99 9.44 -20.94
C THR A 184 10.82 10.35 -20.02
N LEU A 185 12.14 10.14 -20.06
CA LEU A 185 13.02 10.65 -19.00
C LEU A 185 12.90 12.17 -18.84
N TRP A 186 12.80 12.92 -19.94
CA TRP A 186 12.79 14.37 -19.82
C TRP A 186 11.51 14.89 -19.17
N TYR A 187 10.45 14.09 -19.12
CA TYR A 187 9.18 14.52 -18.54
C TYR A 187 8.80 13.69 -17.31
N ARG A 188 9.72 12.90 -16.78
CA ARG A 188 9.42 12.01 -15.65
C ARG A 188 9.54 12.77 -14.33
N PRO A 189 8.56 12.66 -13.45
CA PRO A 189 8.62 13.37 -12.17
C PRO A 189 9.64 12.74 -11.25
N PRO A 190 10.01 13.43 -10.15
CA PRO A 190 11.10 12.92 -9.30
C PRO A 190 10.72 11.68 -8.50
N GLU A 191 9.45 11.50 -8.14
CA GLU A 191 9.08 10.32 -7.37
C GLU A 191 9.27 9.04 -8.19
N LEU A 192 9.10 9.12 -9.51
CA LEU A 192 9.36 7.96 -10.35
C LEU A 192 10.86 7.70 -10.48
N LEU A 193 11.66 8.77 -10.57
CA LEU A 193 13.11 8.60 -10.63
C LEU A 193 13.65 7.97 -9.35
N LEU A 194 12.95 8.16 -8.23
CA LEU A 194 13.35 7.59 -6.95
C LEU A 194 12.65 6.28 -6.65
N GLY A 195 11.88 5.75 -7.59
CA GLY A 195 11.36 4.41 -7.48
C GLY A 195 9.96 4.26 -6.91
N GLU A 196 9.16 5.31 -6.91
CA GLU A 196 7.78 5.17 -6.44
C GLU A 196 7.02 4.28 -7.41
N GLU A 197 6.31 3.29 -6.86
CA GLU A 197 5.51 2.38 -7.68
C GLU A 197 4.01 2.49 -7.44
N ARG A 198 3.60 3.07 -6.31
CA ARG A 198 2.20 3.34 -6.03
C ARG A 198 1.97 4.85 -6.14
N TYR A 199 1.99 5.33 -7.38
CA TYR A 199 1.95 6.76 -7.65
C TYR A 199 0.54 7.22 -8.01
N THR A 200 0.44 8.49 -8.36
CA THR A 200 -0.83 9.21 -8.45
C THR A 200 -0.92 10.00 -9.73
N PRO A 201 -2.07 10.61 -10.01
CA PRO A 201 -2.18 11.48 -11.20
C PRO A 201 -1.22 12.65 -11.20
N ALA A 202 -0.51 12.91 -10.09
CA ALA A 202 0.45 14.00 -10.08
C ALA A 202 1.58 13.78 -11.07
N ILE A 203 1.79 12.53 -11.51
CA ILE A 203 2.82 12.26 -12.49
C ILE A 203 2.48 12.91 -13.82
N ASP A 204 1.20 12.96 -14.18
CA ASP A 204 0.79 13.64 -15.40
C ASP A 204 0.90 15.15 -15.28
N VAL A 205 0.61 15.69 -14.09
CA VAL A 205 0.69 17.12 -13.89
C VAL A 205 2.14 17.60 -13.99
N TRP A 206 3.09 16.83 -13.47
CA TRP A 206 4.49 17.19 -13.64
C TRP A 206 4.86 17.24 -15.11
N SER A 207 4.40 16.25 -15.89
CA SER A 207 4.70 16.24 -17.32
C SER A 207 4.15 17.48 -18.00
N CYS A 208 2.92 17.89 -17.63
CA CYS A 208 2.35 19.11 -18.21
C CYS A 208 3.11 20.34 -17.74
N GLY A 209 3.65 20.31 -16.52
CA GLY A 209 4.49 21.41 -16.07
C GLY A 209 5.74 21.57 -16.93
N CYS A 210 6.32 20.45 -17.35
CA CYS A 210 7.45 20.52 -18.28
C CYS A 210 7.02 21.11 -19.62
N ILE A 211 5.82 20.75 -20.08
CA ILE A 211 5.32 21.31 -21.34
C ILE A 211 5.19 22.83 -21.22
N LEU A 212 4.65 23.31 -20.10
CA LEU A 212 4.42 24.74 -19.93
C LEU A 212 5.72 25.52 -20.03
N GLY A 213 6.73 25.12 -19.27
CA GLY A 213 8.01 25.81 -19.33
C GLY A 213 8.67 25.71 -20.69
N GLU A 214 8.50 24.58 -21.37
CA GLU A 214 9.05 24.39 -22.71
C GLU A 214 8.35 25.24 -23.77
N LEU A 215 7.19 25.81 -23.46
CA LEU A 215 6.53 26.72 -24.39
C LEU A 215 7.10 28.13 -24.33
N PHE A 216 7.62 28.55 -23.18
CA PHE A 216 8.25 29.86 -23.05
C PHE A 216 9.70 29.85 -23.48
N THR A 217 10.44 28.82 -23.11
CA THR A 217 11.74 28.51 -23.69
C THR A 217 11.53 27.62 -24.90
N LYS A 218 12.54 27.57 -25.77
CA LYS A 218 12.42 26.76 -26.98
C LYS A 218 12.89 25.33 -26.79
N LYS A 219 13.51 25.00 -25.66
CA LYS A 219 14.05 23.68 -25.40
C LYS A 219 13.36 23.00 -24.22
N PRO A 220 13.40 21.67 -24.17
CA PRO A 220 12.99 20.98 -22.94
C PRO A 220 13.81 21.46 -21.75
N ILE A 221 13.16 21.54 -20.59
CA ILE A 221 13.77 22.20 -19.44
C ILE A 221 14.69 21.26 -18.65
N PHE A 222 14.48 19.95 -18.74
CA PHE A 222 15.34 18.96 -18.07
C PHE A 222 15.81 17.97 -19.12
N GLN A 223 17.02 18.15 -19.62
CA GLN A 223 17.57 17.29 -20.68
C GLN A 223 18.76 16.51 -20.12
N ALA A 224 18.52 15.27 -19.71
CA ALA A 224 19.57 14.33 -19.37
C ALA A 224 19.27 13.00 -20.03
N ASN A 225 20.27 12.12 -20.06
CA ASN A 225 20.15 10.82 -20.71
C ASN A 225 20.15 9.66 -19.72
N GLN A 226 20.34 9.92 -18.42
CA GLN A 226 20.28 8.87 -17.41
C GLN A 226 19.52 9.38 -16.20
N GLU A 227 19.02 8.45 -15.40
CA GLU A 227 18.19 8.83 -14.26
C GLU A 227 18.97 9.64 -13.23
N LEU A 228 20.21 9.24 -12.96
CA LEU A 228 21.02 9.97 -11.98
C LEU A 228 21.23 11.40 -12.42
N ALA A 229 21.67 11.59 -13.67
CA ALA A 229 21.86 12.94 -14.19
C ALA A 229 20.55 13.70 -14.29
N GLN A 230 19.46 13.00 -14.62
CA GLN A 230 18.16 13.66 -14.74
C GLN A 230 17.70 14.22 -13.40
N LEU A 231 17.84 13.43 -12.32
CA LEU A 231 17.51 13.94 -11.00
C LEU A 231 18.41 15.09 -10.60
N GLU A 232 19.66 15.10 -11.09
CA GLU A 232 20.56 16.20 -10.78
C GLU A 232 20.08 17.51 -11.39
N LEU A 233 19.71 17.50 -12.67
CA LEU A 233 19.24 18.74 -13.30
C LEU A 233 17.94 19.21 -12.68
N ILE A 234 17.05 18.28 -12.31
CA ILE A 234 15.81 18.69 -11.66
C ILE A 234 16.13 19.35 -10.32
N SER A 235 17.06 18.78 -9.56
CA SER A 235 17.41 19.34 -8.26
C SER A 235 18.10 20.69 -8.40
N ARG A 236 18.91 20.87 -9.44
CA ARG A 236 19.63 22.12 -9.63
C ARG A 236 18.68 23.30 -9.83
N ILE A 237 17.44 23.05 -10.27
CA ILE A 237 16.46 24.10 -10.51
C ILE A 237 15.34 24.06 -9.48
N CYS A 238 14.76 22.89 -9.23
CA CYS A 238 13.61 22.75 -8.37
C CYS A 238 13.97 22.54 -6.90
N GLY A 239 15.24 22.40 -6.58
CA GLY A 239 15.67 22.09 -5.23
C GLY A 239 15.88 20.60 -5.02
N SER A 240 16.79 20.27 -4.12
CA SER A 240 17.09 18.87 -3.84
C SER A 240 15.95 18.24 -3.05
N PRO A 241 15.65 16.96 -3.30
CA PRO A 241 14.62 16.28 -2.50
C PRO A 241 15.07 16.12 -1.05
N CYS A 242 14.20 16.55 -0.14
CA CYS A 242 14.48 16.47 1.29
C CYS A 242 13.14 16.51 2.03
N PRO A 243 13.11 15.98 3.26
CA PRO A 243 11.82 15.92 3.98
C PRO A 243 11.25 17.29 4.33
N ALA A 244 12.05 18.36 4.31
CA ALA A 244 11.52 19.67 4.64
C ALA A 244 10.45 20.10 3.65
N VAL A 245 10.67 19.85 2.36
CA VAL A 245 9.68 20.16 1.33
C VAL A 245 8.85 18.94 0.94
N TRP A 246 9.32 17.73 1.28
CA TRP A 246 8.73 16.49 0.77
C TRP A 246 8.97 15.42 1.82
N PRO A 247 8.11 15.35 2.84
CA PRO A 247 8.42 14.49 3.99
C PRO A 247 8.64 13.03 3.66
N ASP A 248 7.99 12.51 2.62
CA ASP A 248 7.96 11.08 2.34
C ASP A 248 9.11 10.61 1.46
N VAL A 249 10.09 11.45 1.14
CA VAL A 249 11.21 11.00 0.33
C VAL A 249 11.93 9.84 1.01
N ILE A 250 11.92 9.82 2.34
CA ILE A 250 12.61 8.77 3.09
C ILE A 250 11.96 7.42 2.90
N LYS A 251 10.70 7.39 2.46
CA LYS A 251 9.98 6.15 2.19
C LYS A 251 10.20 5.63 0.77
N LEU A 252 11.01 6.35 -0.08
CA LEU A 252 11.17 5.96 -1.47
C LEU A 252 12.36 5.02 -1.65
N PRO A 253 12.25 4.07 -2.58
CA PRO A 253 13.26 3.02 -2.69
C PRO A 253 14.69 3.52 -2.91
N TYR A 254 14.88 4.59 -3.69
CA TYR A 254 16.21 5.00 -4.11
C TYR A 254 16.63 6.34 -3.51
N PHE A 255 15.95 6.80 -2.47
CA PHE A 255 16.27 8.12 -1.93
C PHE A 255 17.70 8.19 -1.43
N ASN A 256 18.17 7.15 -0.73
CA ASN A 256 19.48 7.19 -0.11
C ASN A 256 20.61 6.93 -1.10
N THR A 257 20.39 6.08 -2.12
CA THR A 257 21.48 5.64 -2.99
C THR A 257 21.68 6.50 -4.24
N MET A 258 20.76 7.41 -4.53
CA MET A 258 20.91 8.33 -5.65
C MET A 258 20.44 9.70 -5.21
N LYS A 259 21.36 10.65 -5.18
CA LYS A 259 21.05 12.02 -4.77
C LYS A 259 22.06 12.96 -5.43
N PRO A 260 21.73 14.24 -5.55
CA PRO A 260 22.72 15.20 -6.06
C PRO A 260 23.90 15.33 -5.11
N LYS A 261 25.01 15.83 -5.66
CA LYS A 261 26.19 16.08 -4.84
C LYS A 261 25.91 17.17 -3.81
N LYS A 262 25.37 18.30 -4.26
CA LYS A 262 25.02 19.40 -3.38
C LYS A 262 23.55 19.33 -2.97
N GLN A 263 23.24 19.98 -1.86
CA GLN A 263 21.84 20.19 -1.44
C GLN A 263 21.42 21.55 -1.97
N TYR A 264 20.63 21.55 -3.04
CA TYR A 264 20.29 22.75 -3.77
C TYR A 264 19.09 23.47 -3.16
N ARG A 265 19.07 24.79 -3.29
CA ARG A 265 17.91 25.59 -2.98
C ARG A 265 17.11 25.84 -4.25
N ARG A 266 15.79 25.93 -4.10
CA ARG A 266 14.90 26.11 -5.24
C ARG A 266 15.15 27.45 -5.93
N LYS A 267 15.70 27.39 -7.14
CA LYS A 267 15.97 28.58 -7.95
C LYS A 267 15.04 28.69 -9.15
N LEU A 268 13.85 28.10 -9.05
CA LEU A 268 12.97 28.01 -10.21
C LEU A 268 12.50 29.38 -10.66
N ARG A 269 12.21 30.28 -9.72
CA ARG A 269 11.75 31.61 -10.08
C ARG A 269 12.87 32.52 -10.58
N GLU A 270 14.12 32.19 -10.27
CA GLU A 270 15.27 32.92 -10.80
C GLU A 270 15.77 32.32 -12.11
N GLU A 271 15.66 31.00 -12.26
CA GLU A 271 16.06 30.36 -13.52
C GLU A 271 15.10 30.68 -14.65
N PHE A 272 13.85 31.00 -14.32
CA PHE A 272 12.81 31.30 -15.31
C PHE A 272 12.18 32.65 -15.03
N VAL A 273 13.01 33.63 -14.63
CA VAL A 273 12.50 34.94 -14.27
C VAL A 273 11.84 35.65 -15.43
N PHE A 274 12.19 35.30 -16.67
CA PHE A 274 11.60 35.93 -17.85
C PHE A 274 10.15 35.54 -18.09
N ILE A 275 9.61 34.58 -17.35
CA ILE A 275 8.24 34.13 -17.53
C ILE A 275 7.29 35.08 -16.79
N PRO A 276 6.16 35.45 -17.40
CA PRO A 276 5.20 36.32 -16.70
C PRO A 276 4.79 35.78 -15.35
N ALA A 277 4.28 36.64 -14.48
CA ALA A 277 4.06 36.28 -13.08
C ALA A 277 3.01 35.19 -12.95
N ALA A 278 1.84 35.39 -13.58
CA ALA A 278 0.76 34.42 -13.42
C ALA A 278 1.14 33.06 -13.97
N ALA A 279 1.83 33.02 -15.12
CA ALA A 279 2.27 31.75 -15.66
C ALA A 279 3.35 31.11 -14.80
N LEU A 280 4.27 31.94 -14.28
CA LEU A 280 5.31 31.41 -13.40
C LEU A 280 4.71 30.87 -12.11
N ASP A 281 3.56 31.41 -11.69
CA ASP A 281 2.89 30.87 -10.51
C ASP A 281 2.35 29.47 -10.78
N LEU A 282 1.66 29.29 -11.92
CA LEU A 282 1.20 27.95 -12.28
C LEU A 282 2.38 27.02 -12.54
N PHE A 283 3.42 27.54 -13.19
CA PHE A 283 4.62 26.74 -13.43
C PHE A 283 5.23 26.26 -12.13
N ASP A 284 5.39 27.15 -11.15
CA ASP A 284 5.93 26.75 -9.85
C ASP A 284 5.02 25.74 -9.16
N TYR A 285 3.71 25.90 -9.32
CA TYR A 285 2.75 24.99 -8.69
C TYR A 285 2.85 23.59 -9.27
N MET A 286 3.07 23.48 -10.59
CA MET A 286 3.09 22.18 -11.25
C MET A 286 4.39 21.41 -11.04
N LEU A 287 5.49 22.10 -10.72
CA LEU A 287 6.79 21.46 -10.53
C LEU A 287 7.14 21.28 -9.06
N ALA A 288 6.14 21.17 -8.19
CA ALA A 288 6.41 20.83 -6.80
C ALA A 288 6.97 19.43 -6.71
N LEU A 289 8.04 19.27 -5.92
CA LEU A 289 8.67 17.95 -5.79
C LEU A 289 7.72 16.95 -5.14
N ASP A 290 7.09 17.35 -4.05
CA ASP A 290 6.16 16.48 -3.36
C ASP A 290 4.90 16.28 -4.20
N PRO A 291 4.57 15.05 -4.60
CA PRO A 291 3.34 14.87 -5.39
C PRO A 291 2.09 15.36 -4.70
N SER A 292 2.04 15.25 -3.36
CA SER A 292 0.87 15.70 -2.62
C SER A 292 0.75 17.23 -2.58
N LYS A 293 1.85 17.94 -2.81
CA LYS A 293 1.80 19.40 -2.94
C LYS A 293 1.58 19.86 -4.38
N ARG A 294 1.68 18.95 -5.34
CA ARG A 294 1.47 19.31 -6.74
C ARG A 294 0.00 19.55 -7.00
N CYS A 295 -0.30 20.61 -7.75
CA CYS A 295 -1.69 20.95 -8.04
C CYS A 295 -2.32 19.87 -8.91
N THR A 296 -3.62 19.64 -8.69
CA THR A 296 -4.39 18.77 -9.56
C THR A 296 -4.82 19.54 -10.82
N ALA A 297 -5.28 18.79 -11.82
CA ALA A 297 -5.78 19.43 -13.03
C ALA A 297 -6.94 20.36 -12.72
N GLU A 298 -7.76 20.02 -11.73
CA GLU A 298 -8.86 20.88 -11.33
C GLU A 298 -8.34 22.21 -10.77
N GLN A 299 -7.36 22.13 -9.87
CA GLN A 299 -6.82 23.35 -9.28
C GLN A 299 -6.09 24.19 -10.32
N ALA A 300 -5.42 23.54 -11.27
CA ALA A 300 -4.72 24.28 -12.32
C ALA A 300 -5.69 25.08 -13.18
N LEU A 301 -6.90 24.56 -13.39
CA LEU A 301 -7.91 25.30 -14.13
C LEU A 301 -8.46 26.48 -13.33
N GLN A 302 -8.33 26.46 -12.01
CA GLN A 302 -8.84 27.51 -11.14
C GLN A 302 -7.81 28.59 -10.83
N CYS A 303 -6.57 28.43 -11.31
CA CYS A 303 -5.52 29.38 -10.99
C CYS A 303 -5.68 30.67 -11.81
N GLU A 304 -4.86 31.66 -11.45
CA GLU A 304 -4.98 32.99 -12.05
C GLU A 304 -4.74 32.94 -13.56
N PHE A 305 -3.79 32.11 -14.00
CA PHE A 305 -3.37 32.12 -15.40
C PHE A 305 -4.39 31.49 -16.35
N LEU A 306 -5.24 30.59 -15.86
CA LEU A 306 -6.14 29.84 -16.72
C LEU A 306 -7.62 30.02 -16.40
N ARG A 307 -7.96 30.72 -15.32
CA ARG A 307 -9.34 30.74 -14.84
C ARG A 307 -10.29 31.35 -15.88
N ASP A 308 -9.94 32.50 -16.44
CA ASP A 308 -10.84 33.23 -17.31
C ASP A 308 -10.60 32.97 -18.80
N VAL A 309 -9.80 31.96 -19.12
CA VAL A 309 -9.50 31.65 -20.52
C VAL A 309 -10.66 30.89 -21.13
N GLU A 310 -11.20 31.41 -22.22
CA GLU A 310 -12.18 30.69 -23.04
C GLU A 310 -11.53 30.50 -24.41
N PRO A 311 -10.95 29.34 -24.70
CA PRO A 311 -10.18 29.20 -25.95
C PRO A 311 -11.02 29.43 -27.19
N SER A 312 -12.30 29.10 -27.16
CA SER A 312 -13.15 29.28 -28.34
C SER A 312 -13.27 30.74 -28.77
N LYS A 313 -12.82 31.69 -27.94
CA LYS A 313 -12.94 33.11 -28.25
C LYS A 313 -11.58 33.77 -28.40
N MET A 314 -10.59 33.04 -28.88
CA MET A 314 -9.25 33.57 -29.09
C MET A 314 -8.77 33.18 -30.48
N PRO A 315 -8.22 34.11 -31.26
CA PRO A 315 -7.70 33.75 -32.58
C PRO A 315 -6.50 32.82 -32.43
N PRO A 316 -6.51 31.68 -33.13
CA PRO A 316 -5.40 30.74 -32.97
C PRO A 316 -4.11 31.30 -33.57
N PRO A 317 -2.96 30.86 -33.06
CA PRO A 317 -1.70 31.24 -33.73
C PRO A 317 -1.53 30.49 -35.04
N ASP A 318 -0.97 31.17 -36.02
CA ASP A 318 -0.79 30.63 -37.36
C ASP A 318 0.48 29.78 -37.43
N LEU A 319 0.32 28.54 -37.87
CA LEU A 319 1.42 27.58 -37.92
C LEU A 319 1.61 27.10 -39.35
N PRO A 320 2.76 26.50 -39.66
CA PRO A 320 2.93 25.87 -40.97
C PRO A 320 1.79 24.92 -41.29
N LEU A 321 1.19 25.10 -42.47
CA LEU A 321 0.03 24.32 -42.89
C LEU A 321 0.27 22.83 -42.78
N TRP A 322 1.53 22.41 -42.68
CA TRP A 322 1.91 21.02 -42.49
C TRP A 322 3.10 21.01 -41.54
N GLN A 323 3.51 19.81 -41.12
CA GLN A 323 4.64 19.67 -40.21
C GLN A 323 5.92 19.36 -40.97
N ASP A 324 6.98 20.07 -40.59
CA ASP A 324 8.31 19.86 -41.15
C ASP A 324 9.30 20.42 -40.15
N CYS A 325 9.96 19.55 -39.41
CA CYS A 325 10.94 19.94 -38.41
C CYS A 325 12.11 20.72 -39.01
N HIS A 326 12.29 20.65 -40.33
CA HIS A 326 13.36 21.39 -41.01
C HIS A 326 14.72 21.09 -40.37
N GLU A 327 14.92 19.82 -40.00
CA GLU A 327 16.16 19.40 -39.37
C GLU A 327 17.30 19.42 -40.37
N LEU A 328 18.41 20.04 -39.97
CA LEU A 328 19.59 20.06 -40.82
C LEU A 328 20.10 18.64 -41.06
N TRP A 329 20.54 18.37 -42.28
CA TRP A 329 21.10 17.07 -42.65
C TRP A 329 22.14 16.63 -41.63
N SER A 330 21.86 15.57 -40.89
CA SER A 330 22.76 15.11 -39.84
C SER A 330 22.61 13.60 -39.68
N LYS A 331 23.74 12.93 -39.51
CA LYS A 331 23.73 11.47 -39.42
C LYS A 331 24.05 10.99 -38.00
N LYS B 22 -22.84 2.92 -28.14
CA LYS B 22 -22.78 1.69 -27.37
C LYS B 22 -23.79 0.66 -27.88
N PRO B 23 -23.31 -0.55 -28.16
CA PRO B 23 -24.21 -1.58 -28.70
C PRO B 23 -25.19 -2.06 -27.65
N CYS B 24 -26.13 -2.90 -28.10
CA CYS B 24 -27.15 -3.50 -27.26
C CYS B 24 -26.90 -5.00 -27.21
N TRP B 25 -26.80 -5.55 -26.01
CA TRP B 25 -26.36 -6.93 -25.82
C TRP B 25 -27.38 -7.76 -25.06
N TYR B 26 -28.66 -7.44 -25.17
CA TYR B 26 -29.70 -8.14 -24.43
C TYR B 26 -30.84 -8.51 -25.34
N TRP B 27 -31.25 -9.78 -25.27
CA TRP B 27 -32.33 -10.33 -26.08
C TRP B 27 -33.47 -10.76 -25.17
N ASP B 28 -34.67 -10.87 -25.76
CA ASP B 28 -35.80 -11.43 -25.03
C ASP B 28 -35.95 -12.92 -25.31
N LYS B 29 -36.87 -13.55 -24.57
CA LYS B 29 -37.05 -14.99 -24.69
C LYS B 29 -37.43 -15.40 -26.11
N LYS B 30 -38.10 -14.52 -26.85
CA LYS B 30 -38.51 -14.86 -28.22
C LYS B 30 -37.34 -14.81 -29.19
N ASP B 31 -36.44 -13.83 -29.03
CA ASP B 31 -35.31 -13.72 -29.94
C ASP B 31 -34.27 -14.81 -29.68
N LEU B 32 -34.19 -15.30 -28.43
CA LEU B 32 -33.31 -16.42 -28.12
C LEU B 32 -33.83 -17.74 -28.68
N ALA B 33 -35.08 -17.80 -29.12
CA ALA B 33 -35.63 -18.97 -29.79
C ALA B 33 -35.44 -18.93 -31.31
N HIS B 34 -34.65 -17.99 -31.82
CA HIS B 34 -34.37 -17.84 -33.24
C HIS B 34 -32.92 -17.48 -33.47
N THR B 35 -32.02 -18.11 -32.71
CA THR B 35 -30.60 -17.91 -32.91
C THR B 35 -30.19 -18.52 -34.25
N PRO B 36 -29.03 -18.11 -34.77
CA PRO B 36 -28.54 -18.70 -36.02
C PRO B 36 -28.46 -20.22 -35.97
N SER B 37 -28.20 -20.81 -34.80
CA SER B 37 -28.13 -22.26 -34.70
C SER B 37 -29.50 -22.90 -34.91
N GLN B 38 -30.54 -22.34 -34.30
CA GLN B 38 -31.87 -22.92 -34.45
C GLN B 38 -32.42 -22.70 -35.85
N LEU B 39 -32.02 -21.61 -36.51
CA LEU B 39 -32.43 -21.39 -37.90
C LEU B 39 -31.86 -22.45 -38.83
N GLU B 40 -30.73 -23.06 -38.46
CA GLU B 40 -30.11 -24.11 -39.26
C GLU B 40 -30.54 -25.50 -38.84
N GLY B 41 -31.56 -25.63 -38.00
CA GLY B 41 -32.13 -26.92 -37.66
C GLY B 41 -31.73 -27.49 -36.32
N LEU B 42 -30.86 -26.80 -35.58
CA LEU B 42 -30.44 -27.30 -34.26
C LEU B 42 -31.60 -27.12 -33.27
N ASP B 43 -31.88 -28.18 -32.51
CA ASP B 43 -33.00 -28.15 -31.55
C ASP B 43 -32.65 -27.33 -30.29
N PRO B 44 -33.62 -26.71 -29.58
CA PRO B 44 -33.30 -25.91 -28.40
C PRO B 44 -32.51 -26.69 -27.34
N ALA B 45 -32.85 -27.97 -27.14
CA ALA B 45 -32.14 -28.76 -26.13
C ALA B 45 -30.68 -28.93 -26.50
N THR B 46 -30.40 -29.16 -27.78
CA THR B 46 -28.99 -29.40 -28.22
C THR B 46 -28.18 -28.11 -28.14
N GLU B 47 -28.76 -26.97 -28.48
CA GLU B 47 -28.02 -25.72 -28.34
C GLU B 47 -27.76 -25.38 -26.88
N ALA B 48 -28.74 -25.65 -26.01
CA ALA B 48 -28.53 -25.41 -24.58
C ALA B 48 -27.41 -26.31 -24.06
N ARG B 49 -27.34 -27.55 -24.53
CA ARG B 49 -26.25 -28.44 -24.16
C ARG B 49 -24.92 -27.94 -24.71
N TYR B 50 -24.90 -27.50 -25.98
CA TYR B 50 -23.68 -26.96 -26.55
C TYR B 50 -23.19 -25.74 -25.77
N ARG B 51 -24.12 -24.92 -25.27
CA ARG B 51 -23.73 -23.74 -24.50
C ARG B 51 -23.19 -24.13 -23.13
N ARG B 52 -23.79 -25.15 -22.49
CA ARG B 52 -23.29 -25.62 -21.21
C ARG B 52 -21.88 -26.15 -21.35
N GLU B 53 -21.66 -27.04 -22.33
CA GLU B 53 -20.35 -27.65 -22.51
C GLU B 53 -19.31 -26.60 -22.90
N GLY B 54 -19.69 -25.63 -23.73
CA GLY B 54 -18.76 -24.59 -24.10
C GLY B 54 -18.34 -23.72 -22.93
N ALA B 55 -19.32 -23.34 -22.09
CA ALA B 55 -19.00 -22.53 -20.92
C ALA B 55 -18.17 -23.32 -19.91
N ARG B 56 -18.54 -24.58 -19.67
CA ARG B 56 -17.77 -25.41 -18.74
C ARG B 56 -16.38 -25.69 -19.29
N PHE B 57 -16.25 -25.81 -20.61
CA PHE B 57 -14.92 -25.98 -21.20
C PHE B 57 -14.03 -24.77 -20.93
N ILE B 58 -14.54 -23.57 -21.19
CA ILE B 58 -13.79 -22.37 -20.87
C ILE B 58 -13.46 -22.32 -19.38
N PHE B 59 -14.40 -22.76 -18.55
CA PHE B 59 -14.20 -22.70 -17.10
C PHE B 59 -13.08 -23.65 -16.68
N ASP B 60 -13.07 -24.87 -17.21
CA ASP B 60 -12.08 -25.85 -16.78
C ASP B 60 -10.70 -25.52 -17.32
N VAL B 61 -10.61 -25.06 -18.57
CA VAL B 61 -9.32 -24.71 -19.15
C VAL B 61 -8.70 -23.54 -18.39
N GLY B 62 -9.47 -22.47 -18.19
CA GLY B 62 -8.94 -21.32 -17.47
C GLY B 62 -8.64 -21.60 -16.02
N THR B 63 -9.39 -22.52 -15.41
CA THR B 63 -9.09 -22.92 -14.03
C THR B 63 -7.75 -23.64 -13.96
N ARG B 64 -7.49 -24.55 -14.90
CA ARG B 64 -6.23 -25.29 -14.92
C ARG B 64 -5.04 -24.39 -15.26
N LEU B 65 -5.29 -23.20 -15.80
CA LEU B 65 -4.24 -22.21 -16.04
C LEU B 65 -4.21 -21.14 -14.95
N GLY B 66 -5.02 -21.27 -13.92
CA GLY B 66 -5.03 -20.33 -12.81
C GLY B 66 -5.49 -18.93 -13.14
N LEU B 67 -6.62 -18.81 -13.84
CA LEU B 67 -7.11 -17.52 -14.31
C LEU B 67 -8.19 -16.96 -13.38
N HIS B 68 -8.25 -15.63 -13.35
CA HIS B 68 -9.23 -14.88 -12.57
C HIS B 68 -10.65 -15.27 -12.94
N TYR B 69 -11.54 -15.27 -11.94
CA TYR B 69 -12.94 -15.58 -12.20
C TYR B 69 -13.57 -14.53 -13.11
N ASP B 70 -13.06 -13.30 -13.07
CA ASP B 70 -13.51 -12.28 -14.02
C ASP B 70 -13.06 -12.63 -15.44
N THR B 71 -11.87 -13.19 -15.58
CA THR B 71 -11.40 -13.58 -16.90
C THR B 71 -12.23 -14.73 -17.46
N LEU B 72 -12.53 -15.72 -16.63
CA LEU B 72 -13.41 -16.80 -17.07
C LEU B 72 -14.77 -16.28 -17.48
N ALA B 73 -15.35 -15.38 -16.68
CA ALA B 73 -16.66 -14.83 -17.01
C ALA B 73 -16.62 -13.99 -18.28
N THR B 74 -15.52 -13.27 -18.52
CA THR B 74 -15.43 -12.46 -19.73
C THR B 74 -15.33 -13.33 -20.98
N GLY B 75 -14.56 -14.42 -20.90
CA GLY B 75 -14.49 -15.33 -22.03
C GLY B 75 -15.82 -15.99 -22.33
N ILE B 76 -16.59 -16.31 -21.28
CA ILE B 76 -17.87 -16.98 -21.46
C ILE B 76 -18.89 -16.02 -22.05
N ILE B 77 -18.85 -14.75 -21.65
CA ILE B 77 -19.76 -13.77 -22.23
C ILE B 77 -19.45 -13.55 -23.70
N TYR B 78 -18.17 -13.51 -24.06
CA TYR B 78 -17.81 -13.47 -25.47
C TYR B 78 -18.38 -14.69 -26.21
N PHE B 79 -18.34 -15.85 -25.55
CA PHE B 79 -18.80 -17.09 -26.18
C PHE B 79 -20.30 -17.05 -26.46
N HIS B 80 -21.08 -16.60 -25.47
CA HIS B 80 -22.53 -16.55 -25.65
C HIS B 80 -22.94 -15.53 -26.71
N ARG B 81 -22.31 -14.35 -26.72
CA ARG B 81 -22.65 -13.35 -27.70
C ARG B 81 -22.25 -13.78 -29.11
N PHE B 82 -21.15 -14.52 -29.23
CA PHE B 82 -20.71 -14.99 -30.53
C PHE B 82 -21.78 -15.81 -31.22
N TYR B 83 -22.48 -16.67 -30.47
CA TYR B 83 -23.48 -17.56 -31.04
C TYR B 83 -24.87 -16.93 -31.09
N MET B 84 -24.98 -15.62 -30.92
CA MET B 84 -26.15 -14.88 -31.37
C MET B 84 -25.99 -14.39 -32.81
N PHE B 85 -24.80 -14.51 -33.39
CA PHE B 85 -24.52 -14.10 -34.75
C PHE B 85 -23.99 -15.23 -35.63
N HIS B 86 -23.58 -16.34 -35.04
CA HIS B 86 -23.05 -17.48 -35.79
C HIS B 86 -23.71 -18.75 -35.29
N SER B 87 -23.67 -19.79 -36.13
CA SER B 87 -24.32 -21.05 -35.84
C SER B 87 -23.32 -22.07 -35.32
N PHE B 88 -23.78 -22.91 -34.38
CA PHE B 88 -22.94 -24.01 -33.89
C PHE B 88 -22.64 -25.03 -34.99
N LYS B 89 -23.45 -25.09 -36.03
CA LYS B 89 -23.18 -26.04 -37.11
C LYS B 89 -22.06 -25.56 -38.04
N GLN B 90 -21.75 -24.26 -38.03
CA GLN B 90 -20.67 -23.72 -38.83
C GLN B 90 -19.42 -23.43 -38.03
N PHE B 91 -19.50 -23.39 -36.70
CA PHE B 91 -18.36 -23.08 -35.85
C PHE B 91 -18.30 -24.05 -34.67
N PRO B 92 -17.33 -24.97 -34.64
CA PRO B 92 -17.22 -25.90 -33.51
C PRO B 92 -17.02 -25.14 -32.21
N ARG B 93 -17.66 -25.64 -31.14
CA ARG B 93 -17.81 -24.85 -29.92
C ARG B 93 -16.50 -24.74 -29.14
N TYR B 94 -15.71 -25.81 -29.08
CA TYR B 94 -14.51 -25.78 -28.26
C TYR B 94 -13.43 -24.89 -28.88
N VAL B 95 -13.37 -24.81 -30.21
CA VAL B 95 -12.47 -23.88 -30.86
C VAL B 95 -12.86 -22.44 -30.53
N THR B 96 -14.16 -22.15 -30.55
CA THR B 96 -14.62 -20.81 -30.20
C THR B 96 -14.35 -20.51 -28.72
N GLY B 97 -14.53 -21.51 -27.86
CA GLY B 97 -14.28 -21.31 -26.43
C GLY B 97 -12.82 -20.99 -26.14
N ALA B 98 -11.91 -21.75 -26.76
CA ALA B 98 -10.49 -21.47 -26.59
C ALA B 98 -10.16 -20.08 -27.11
N CYS B 99 -10.81 -19.66 -28.19
CA CYS B 99 -10.56 -18.33 -28.75
C CYS B 99 -11.06 -17.24 -27.82
N CYS B 100 -12.23 -17.45 -27.21
CA CYS B 100 -12.77 -16.43 -26.31
C CYS B 100 -11.92 -16.29 -25.05
N LEU B 101 -11.46 -17.40 -24.50
CA LEU B 101 -10.58 -17.33 -23.33
C LEU B 101 -9.26 -16.66 -23.68
N PHE B 102 -8.75 -16.90 -24.89
CA PHE B 102 -7.50 -16.26 -25.30
C PHE B 102 -7.65 -14.75 -25.38
N LEU B 103 -8.74 -14.27 -25.98
CA LEU B 103 -8.97 -12.83 -26.03
C LEU B 103 -9.26 -12.26 -24.65
N ALA B 104 -10.00 -13.00 -23.82
CA ALA B 104 -10.38 -12.47 -22.51
C ALA B 104 -9.16 -12.22 -21.63
N GLY B 105 -8.19 -13.14 -21.66
CA GLY B 105 -6.99 -12.94 -20.87
C GLY B 105 -6.26 -11.67 -21.25
N LYS B 106 -6.28 -11.33 -22.53
CA LYS B 106 -5.65 -10.11 -23.01
C LYS B 106 -6.46 -8.88 -22.60
N VAL B 107 -7.79 -9.01 -22.57
CA VAL B 107 -8.64 -7.89 -22.17
C VAL B 107 -8.56 -7.67 -20.66
N GLU B 108 -8.52 -8.74 -19.89
CA GLU B 108 -8.51 -8.67 -18.43
C GLU B 108 -7.11 -8.60 -17.85
N GLU B 109 -6.11 -8.28 -18.67
CA GLU B 109 -4.73 -8.06 -18.21
C GLU B 109 -4.15 -9.28 -17.52
N THR B 110 -4.56 -10.48 -17.95
CA THR B 110 -3.96 -11.73 -17.49
C THR B 110 -3.58 -12.56 -18.71
N PRO B 111 -2.59 -12.11 -19.48
CA PRO B 111 -2.31 -12.76 -20.77
C PRO B 111 -1.84 -14.18 -20.57
N LYS B 112 -2.22 -15.04 -21.53
CA LYS B 112 -1.73 -16.41 -21.59
C LYS B 112 -1.38 -16.71 -23.04
N LYS B 113 -0.22 -17.34 -23.24
CA LYS B 113 0.18 -17.70 -24.60
C LYS B 113 -0.79 -18.73 -25.18
N CYS B 114 -1.10 -18.57 -26.46
CA CYS B 114 -2.05 -19.45 -27.11
C CYS B 114 -1.59 -20.91 -27.08
N LYS B 115 -0.28 -21.13 -27.15
CA LYS B 115 0.26 -22.49 -27.02
C LYS B 115 -0.24 -23.16 -25.74
N ASP B 116 -0.40 -22.37 -24.67
CA ASP B 116 -0.81 -22.95 -23.40
C ASP B 116 -2.27 -23.39 -23.42
N ILE B 117 -3.14 -22.61 -24.07
CA ILE B 117 -4.56 -22.96 -24.13
C ILE B 117 -4.76 -24.25 -24.91
N ILE B 118 -4.11 -24.38 -26.06
CA ILE B 118 -4.24 -25.60 -26.85
C ILE B 118 -3.70 -26.79 -26.06
N LYS B 119 -2.58 -26.61 -25.38
CA LYS B 119 -2.03 -27.67 -24.54
C LYS B 119 -3.04 -28.09 -23.48
N THR B 120 -3.61 -27.10 -22.79
CA THR B 120 -4.60 -27.41 -21.75
C THR B 120 -5.86 -28.02 -22.34
N ALA B 121 -6.30 -27.51 -23.50
CA ALA B 121 -7.47 -28.08 -24.16
C ALA B 121 -7.20 -29.53 -24.56
N ARG B 122 -6.01 -29.79 -25.11
CA ARG B 122 -5.62 -31.15 -25.45
C ARG B 122 -5.67 -32.08 -24.24
N SER B 123 -5.41 -31.55 -23.04
CA SER B 123 -5.33 -32.40 -21.86
C SER B 123 -6.71 -32.86 -21.38
N LEU B 124 -7.75 -32.06 -21.58
CA LEU B 124 -9.08 -32.39 -21.08
C LEU B 124 -9.99 -33.04 -22.10
N LEU B 125 -9.73 -32.86 -23.39
CA LEU B 125 -10.60 -33.38 -24.42
C LEU B 125 -10.03 -34.65 -25.03
N ASN B 126 -10.94 -35.56 -25.39
CA ASN B 126 -10.55 -36.74 -26.16
C ASN B 126 -10.30 -36.34 -27.61
N ASP B 127 -9.87 -37.31 -28.42
CA ASP B 127 -9.50 -37.02 -29.79
C ASP B 127 -10.71 -36.64 -30.64
N VAL B 128 -11.90 -37.20 -30.32
CA VAL B 128 -13.07 -36.85 -31.10
C VAL B 128 -13.50 -35.42 -30.81
N GLN B 129 -13.40 -34.98 -29.55
CA GLN B 129 -13.68 -33.59 -29.23
C GLN B 129 -12.56 -32.68 -29.75
N PHE B 130 -11.31 -33.08 -29.53
CA PHE B 130 -10.17 -32.30 -30.01
C PHE B 130 -10.05 -32.30 -31.53
N GLY B 131 -10.78 -33.18 -32.21
CA GLY B 131 -10.83 -33.15 -33.67
C GLY B 131 -11.38 -31.85 -34.22
N GLN B 132 -12.12 -31.10 -33.41
CA GLN B 132 -12.63 -29.81 -33.85
C GLN B 132 -11.50 -28.84 -34.21
N PHE B 133 -10.32 -29.03 -33.64
CA PHE B 133 -9.18 -28.17 -33.95
C PHE B 133 -8.47 -28.59 -35.23
N GLY B 134 -8.95 -29.63 -35.90
CA GLY B 134 -8.41 -30.03 -37.18
C GLY B 134 -6.98 -30.55 -37.05
N ASP B 135 -6.26 -30.48 -38.16
CA ASP B 135 -4.88 -30.97 -38.18
C ASP B 135 -3.97 -30.07 -37.37
N ASP B 136 -4.08 -28.75 -37.55
CA ASP B 136 -3.23 -27.79 -36.86
C ASP B 136 -4.08 -26.99 -35.86
N PRO B 137 -4.08 -27.35 -34.57
CA PRO B 137 -5.01 -26.72 -33.63
C PRO B 137 -4.77 -25.23 -33.42
N LYS B 138 -3.52 -24.77 -33.44
CA LYS B 138 -3.25 -23.38 -33.04
C LYS B 138 -3.81 -22.38 -34.04
N GLU B 139 -3.65 -22.63 -35.34
CA GLU B 139 -4.07 -21.65 -36.32
C GLU B 139 -5.59 -21.46 -36.33
N GLU B 140 -6.34 -22.50 -35.96
CA GLU B 140 -7.80 -22.37 -35.90
C GLU B 140 -8.22 -21.31 -34.89
N VAL B 141 -7.50 -21.20 -33.78
CA VAL B 141 -7.84 -20.18 -32.79
C VAL B 141 -7.40 -18.80 -33.25
N MET B 142 -6.24 -18.72 -33.90
CA MET B 142 -5.69 -17.42 -34.28
C MET B 142 -6.55 -16.74 -35.34
N VAL B 143 -6.91 -17.48 -36.40
CA VAL B 143 -7.71 -16.89 -37.46
C VAL B 143 -9.13 -16.59 -37.01
N LEU B 144 -9.60 -17.26 -35.95
CA LEU B 144 -10.93 -17.00 -35.43
C LEU B 144 -10.98 -15.72 -34.60
N GLU B 145 -9.85 -15.28 -34.06
CA GLU B 145 -9.84 -14.10 -33.21
C GLU B 145 -10.33 -12.88 -33.96
N ARG B 146 -9.97 -12.80 -35.24
CA ARG B 146 -10.40 -11.65 -36.08
C ARG B 146 -11.93 -11.66 -36.20
N ILE B 147 -12.54 -12.84 -36.37
CA ILE B 147 -13.99 -12.92 -36.50
C ILE B 147 -14.67 -12.58 -35.18
N LEU B 148 -14.13 -13.06 -34.07
CA LEU B 148 -14.73 -12.78 -32.77
C LEU B 148 -14.73 -11.29 -32.47
N LEU B 149 -13.62 -10.61 -32.74
CA LEU B 149 -13.54 -9.18 -32.47
C LEU B 149 -14.56 -8.40 -33.28
N GLN B 150 -14.71 -8.74 -34.56
CA GLN B 150 -15.72 -8.06 -35.38
C GLN B 150 -17.12 -8.38 -34.88
N THR B 151 -17.36 -9.62 -34.44
CA THR B 151 -18.68 -10.00 -33.99
C THR B 151 -19.09 -9.24 -32.72
N ILE B 152 -18.18 -9.10 -31.76
CA ILE B 152 -18.49 -8.39 -30.52
C ILE B 152 -18.30 -6.90 -30.73
N LYS B 153 -18.02 -6.48 -31.96
CA LYS B 153 -17.95 -5.06 -32.32
C LYS B 153 -16.90 -4.32 -31.49
N PHE B 154 -15.81 -5.00 -31.14
CA PHE B 154 -14.73 -4.37 -30.36
C PHE B 154 -15.25 -3.76 -29.06
N ASP B 155 -16.37 -4.30 -28.56
CA ASP B 155 -16.92 -3.88 -27.26
C ASP B 155 -16.37 -4.84 -26.21
N LEU B 156 -15.16 -4.55 -25.76
CA LEU B 156 -14.38 -5.49 -24.96
C LEU B 156 -14.69 -5.42 -23.47
N GLN B 157 -15.07 -4.26 -22.96
CA GLN B 157 -15.26 -4.08 -21.53
C GLN B 157 -16.58 -4.72 -21.12
N VAL B 158 -16.51 -5.67 -20.18
CA VAL B 158 -17.70 -6.36 -19.68
C VAL B 158 -17.65 -6.36 -18.16
N GLU B 159 -18.82 -6.23 -17.53
CA GLU B 159 -18.96 -6.34 -16.09
C GLU B 159 -19.85 -7.53 -15.77
N HIS B 160 -19.64 -8.11 -14.60
CA HIS B 160 -20.20 -9.40 -14.23
C HIS B 160 -20.95 -9.27 -12.92
N PRO B 161 -21.80 -10.25 -12.59
CA PRO B 161 -22.64 -10.14 -11.39
C PRO B 161 -21.85 -10.21 -10.09
N TYR B 162 -20.60 -10.66 -10.11
CA TYR B 162 -19.87 -10.86 -8.86
C TYR B 162 -19.72 -9.56 -8.07
N GLN B 163 -19.28 -8.50 -8.74
CA GLN B 163 -19.04 -7.24 -8.03
C GLN B 163 -20.32 -6.70 -7.40
N PHE B 164 -21.45 -6.86 -8.06
CA PHE B 164 -22.71 -6.36 -7.51
C PHE B 164 -23.22 -7.25 -6.39
N LEU B 165 -22.97 -8.56 -6.46
CA LEU B 165 -23.31 -9.43 -5.34
C LEU B 165 -22.57 -9.02 -4.08
N LEU B 166 -21.29 -8.67 -4.20
CA LEU B 166 -20.52 -8.21 -3.05
C LEU B 166 -21.00 -6.84 -2.59
N LYS B 167 -21.25 -5.92 -3.54
CA LYS B 167 -21.68 -4.58 -3.16
C LYS B 167 -23.04 -4.59 -2.49
N TYR B 168 -23.98 -5.38 -3.02
CA TYR B 168 -25.31 -5.43 -2.44
C TYR B 168 -25.30 -6.12 -1.09
N ALA B 169 -24.49 -7.18 -0.95
CA ALA B 169 -24.45 -7.92 0.31
C ALA B 169 -23.78 -7.11 1.42
N LYS B 170 -22.89 -6.18 1.06
CA LYS B 170 -22.24 -5.36 2.08
C LYS B 170 -23.23 -4.49 2.84
N GLN B 171 -24.40 -4.22 2.26
CA GLN B 171 -25.40 -3.36 2.88
C GLN B 171 -26.51 -4.14 3.57
N LEU B 172 -26.26 -5.42 3.88
CA LEU B 172 -27.15 -6.22 4.70
C LEU B 172 -26.57 -6.30 6.12
N LYS B 173 -27.44 -6.27 7.13
CA LYS B 173 -26.93 -6.28 8.53
C LYS B 173 -27.69 -7.27 9.43
N GLY B 174 -28.47 -8.19 8.86
CA GLY B 174 -29.26 -9.11 9.70
C GLY B 174 -28.47 -10.05 10.59
N ASP B 175 -27.43 -10.69 10.07
CA ASP B 175 -26.63 -11.69 10.85
C ASP B 175 -25.36 -12.01 10.05
N LYS B 176 -24.21 -12.09 10.71
CA LYS B 176 -22.97 -12.25 9.98
C LYS B 176 -22.86 -13.63 9.33
N ASN B 177 -23.08 -14.69 10.12
CA ASN B 177 -22.91 -16.05 9.58
C ASN B 177 -23.93 -16.37 8.50
N LYS B 178 -25.15 -15.85 8.62
CA LYS B 178 -26.17 -16.13 7.61
C LYS B 178 -25.96 -15.32 6.35
N ILE B 179 -25.33 -14.16 6.45
CA ILE B 179 -25.05 -13.37 5.25
C ILE B 179 -23.99 -14.07 4.41
N GLN B 180 -22.92 -14.55 5.07
CA GLN B 180 -21.84 -15.21 4.35
C GLN B 180 -22.29 -16.53 3.72
N LYS B 181 -23.21 -17.25 4.37
CA LYS B 181 -23.76 -18.44 3.72
C LYS B 181 -24.59 -18.05 2.49
N LEU B 182 -25.30 -16.93 2.57
CA LEU B 182 -26.07 -16.47 1.42
C LEU B 182 -25.15 -16.05 0.28
N VAL B 183 -24.10 -15.30 0.59
CA VAL B 183 -23.15 -14.88 -0.44
C VAL B 183 -22.50 -16.09 -1.09
N GLN B 184 -22.10 -17.06 -0.27
CA GLN B 184 -21.39 -18.23 -0.79
C GLN B 184 -22.28 -19.04 -1.73
N MET B 185 -23.56 -19.21 -1.38
CA MET B 185 -24.46 -19.91 -2.29
C MET B 185 -24.77 -19.06 -3.53
N ALA B 186 -24.92 -17.75 -3.36
CA ALA B 186 -25.17 -16.89 -4.51
C ALA B 186 -23.98 -16.86 -5.46
N TRP B 187 -22.76 -16.93 -4.92
CA TRP B 187 -21.59 -16.99 -5.78
C TRP B 187 -21.60 -18.24 -6.64
N THR B 188 -21.92 -19.39 -6.04
CA THR B 188 -22.03 -20.62 -6.80
C THR B 188 -23.11 -20.52 -7.88
N PHE B 189 -24.23 -19.86 -7.56
CA PHE B 189 -25.30 -19.73 -8.53
C PHE B 189 -24.91 -18.80 -9.67
N VAL B 190 -24.04 -17.82 -9.42
CA VAL B 190 -23.55 -17.00 -10.51
C VAL B 190 -22.70 -17.84 -11.47
N ASN B 191 -21.84 -18.71 -10.92
CA ASN B 191 -21.07 -19.59 -11.77
C ASN B 191 -21.97 -20.46 -12.64
N ASP B 192 -23.05 -20.95 -12.06
CA ASP B 192 -23.98 -21.83 -12.80
C ASP B 192 -24.68 -20.99 -13.87
N SER B 193 -24.99 -19.75 -13.55
CA SER B 193 -25.70 -18.85 -14.51
C SER B 193 -24.92 -18.74 -15.82
N LEU B 194 -23.59 -18.69 -15.74
CA LEU B 194 -22.73 -18.58 -16.95
C LEU B 194 -22.94 -19.77 -17.90
N CYS B 195 -23.53 -20.88 -17.43
CA CYS B 195 -23.81 -21.98 -18.34
C CYS B 195 -25.06 -21.75 -19.17
N THR B 196 -25.85 -20.74 -18.85
CA THR B 196 -27.08 -20.40 -19.55
C THR B 196 -26.91 -19.09 -20.31
N THR B 197 -27.99 -18.66 -20.95
CA THR B 197 -28.03 -17.39 -21.67
C THR B 197 -28.49 -16.23 -20.79
N LEU B 198 -28.49 -16.41 -19.47
CA LEU B 198 -28.99 -15.36 -18.59
C LEU B 198 -28.23 -14.06 -18.79
N SER B 199 -26.92 -14.14 -19.04
CA SER B 199 -26.14 -12.94 -19.32
C SER B 199 -26.56 -12.26 -20.63
N LEU B 200 -27.26 -12.98 -21.50
CA LEU B 200 -27.83 -12.38 -22.70
C LEU B 200 -29.23 -11.80 -22.47
N GLN B 201 -29.86 -12.11 -21.34
CA GLN B 201 -31.22 -11.64 -21.06
C GLN B 201 -31.26 -10.44 -20.12
N TRP B 202 -30.50 -10.47 -19.03
CA TRP B 202 -30.62 -9.46 -17.99
C TRP B 202 -29.25 -8.88 -17.64
N GLU B 203 -29.26 -7.61 -17.23
CA GLU B 203 -28.04 -6.94 -16.83
C GLU B 203 -27.43 -7.64 -15.61
N PRO B 204 -26.11 -7.53 -15.43
CA PRO B 204 -25.47 -8.25 -14.31
C PRO B 204 -25.99 -7.84 -12.94
N GLU B 205 -26.44 -6.59 -12.78
CA GLU B 205 -27.02 -6.19 -11.51
C GLU B 205 -28.26 -7.02 -11.19
N ILE B 206 -29.06 -7.33 -12.22
CA ILE B 206 -30.28 -8.10 -12.00
C ILE B 206 -29.95 -9.55 -11.68
N ILE B 207 -28.93 -10.11 -12.33
CA ILE B 207 -28.49 -11.47 -12.02
C ILE B 207 -28.01 -11.54 -10.57
N ALA B 208 -27.31 -10.50 -10.12
CA ALA B 208 -26.84 -10.48 -8.74
C ALA B 208 -28.01 -10.55 -7.76
N VAL B 209 -29.02 -9.72 -7.98
CA VAL B 209 -30.20 -9.74 -7.12
C VAL B 209 -30.89 -11.09 -7.18
N ALA B 210 -30.93 -11.70 -8.37
CA ALA B 210 -31.69 -12.94 -8.55
C ALA B 210 -31.06 -14.09 -7.78
N VAL B 211 -29.72 -14.17 -7.75
CA VAL B 211 -29.08 -15.28 -7.07
C VAL B 211 -29.18 -15.13 -5.56
N MET B 212 -29.19 -13.89 -5.05
CA MET B 212 -29.49 -13.69 -3.64
C MET B 212 -30.90 -14.13 -3.31
N TYR B 213 -31.85 -13.82 -4.19
CA TYR B 213 -33.24 -14.22 -4.00
C TYR B 213 -33.37 -15.74 -3.94
N LEU B 214 -32.71 -16.44 -4.88
CA LEU B 214 -32.77 -17.89 -4.88
C LEU B 214 -32.08 -18.47 -3.65
N ALA B 215 -30.89 -17.94 -3.31
CA ALA B 215 -30.19 -18.42 -2.13
C ALA B 215 -31.01 -18.18 -0.87
N GLY B 216 -31.74 -17.08 -0.81
CA GLY B 216 -32.60 -16.82 0.32
C GLY B 216 -33.75 -17.82 0.42
N ARG B 217 -34.27 -18.26 -0.74
CA ARG B 217 -35.34 -19.25 -0.73
C ARG B 217 -34.82 -20.60 -0.27
N LEU B 218 -33.68 -21.05 -0.81
CA LEU B 218 -33.16 -22.37 -0.48
C LEU B 218 -32.67 -22.43 0.96
N CYS B 219 -32.22 -21.32 1.52
CA CYS B 219 -31.80 -21.28 2.91
C CYS B 219 -32.95 -20.98 3.86
N LYS B 220 -34.12 -20.64 3.33
CA LYS B 220 -35.24 -20.20 4.14
C LYS B 220 -34.89 -19.00 5.01
N PHE B 221 -33.85 -18.26 4.64
CA PHE B 221 -33.61 -16.97 5.24
C PHE B 221 -34.61 -15.97 4.67
N GLU B 222 -35.00 -14.99 5.48
CA GLU B 222 -35.86 -13.92 5.01
C GLU B 222 -34.99 -12.67 4.89
N ILE B 223 -34.71 -12.28 3.64
CA ILE B 223 -33.74 -11.22 3.40
C ILE B 223 -34.28 -9.86 3.82
N GLN B 224 -35.59 -9.68 3.84
CA GLN B 224 -36.15 -8.37 4.19
C GLN B 224 -35.76 -7.95 5.60
N GLU B 225 -35.59 -8.91 6.51
CA GLU B 225 -35.17 -8.58 7.87
C GLU B 225 -33.84 -7.85 7.93
N TRP B 226 -32.99 -8.00 6.90
CA TRP B 226 -31.65 -7.46 6.92
C TRP B 226 -31.51 -6.10 6.23
N THR B 227 -32.60 -5.54 5.72
CA THR B 227 -32.53 -4.26 5.06
C THR B 227 -32.85 -3.12 6.04
N SER B 228 -32.52 -1.89 5.62
CA SER B 228 -32.91 -0.72 6.39
C SER B 228 -34.42 -0.51 6.35
N LYS B 229 -35.08 -1.18 5.42
CA LYS B 229 -36.57 -1.16 5.39
C LYS B 229 -36.98 -2.61 5.74
N PRO B 230 -36.85 -3.13 6.99
CA PRO B 230 -37.12 -4.54 7.28
C PRO B 230 -38.57 -4.85 6.90
N MET B 231 -39.48 -3.99 7.33
CA MET B 231 -40.89 -4.13 6.91
C MET B 231 -40.93 -3.69 5.46
N TYR B 232 -40.85 -4.64 4.50
CA TYR B 232 -40.90 -4.38 3.04
C TYR B 232 -40.22 -5.54 2.32
N ARG B 233 -41.00 -6.48 1.77
CA ARG B 233 -40.48 -7.67 1.06
C ARG B 233 -39.68 -7.25 -0.16
N ARG B 234 -40.06 -6.15 -0.81
CA ARG B 234 -39.34 -5.62 -1.99
C ARG B 234 -37.91 -5.24 -1.59
N TRP B 235 -37.21 -6.12 -0.88
CA TRP B 235 -35.89 -5.73 -0.38
C TRP B 235 -34.93 -5.32 -1.50
N TRP B 236 -35.16 -5.79 -2.73
CA TRP B 236 -34.19 -5.56 -3.79
C TRP B 236 -34.37 -4.22 -4.50
N GLU B 237 -35.51 -3.56 -4.32
CA GLU B 237 -35.73 -2.30 -5.03
C GLU B 237 -34.83 -1.19 -4.51
N GLN B 238 -34.08 -1.44 -3.45
CA GLN B 238 -33.04 -0.52 -2.99
C GLN B 238 -31.78 -0.60 -3.83
N PHE B 239 -31.58 -1.70 -4.56
CA PHE B 239 -30.41 -1.89 -5.41
C PHE B 239 -30.72 -1.73 -6.90
N VAL B 240 -31.83 -2.28 -7.37
CA VAL B 240 -32.22 -2.20 -8.77
C VAL B 240 -33.63 -1.64 -8.83
N GLN B 241 -33.88 -0.82 -9.86
CA GLN B 241 -35.11 -0.06 -9.97
C GLN B 241 -36.10 -0.79 -10.87
N ASP B 242 -37.34 -0.92 -10.39
CA ASP B 242 -38.44 -1.44 -11.20
C ASP B 242 -38.12 -2.84 -11.75
N VAL B 243 -37.76 -3.75 -10.84
CA VAL B 243 -37.55 -5.15 -11.21
C VAL B 243 -38.65 -5.98 -10.57
N PRO B 244 -39.64 -6.42 -11.34
CA PRO B 244 -40.74 -7.21 -10.76
C PRO B 244 -40.28 -8.60 -10.35
N VAL B 245 -41.01 -9.16 -9.38
CA VAL B 245 -40.64 -10.47 -8.84
C VAL B 245 -40.72 -11.55 -9.91
N ASP B 246 -41.60 -11.37 -10.90
CA ASP B 246 -41.73 -12.36 -11.96
C ASP B 246 -40.41 -12.54 -12.71
N VAL B 247 -39.68 -11.45 -12.90
CA VAL B 247 -38.37 -11.53 -13.56
C VAL B 247 -37.42 -12.38 -12.72
N LEU B 248 -37.38 -12.14 -11.41
CA LEU B 248 -36.50 -12.92 -10.54
C LEU B 248 -36.91 -14.38 -10.48
N GLU B 249 -38.22 -14.65 -10.46
CA GLU B 249 -38.68 -16.03 -10.45
C GLU B 249 -38.25 -16.78 -11.70
N ASP B 250 -38.27 -16.09 -12.85
CA ASP B 250 -37.88 -16.74 -14.10
C ASP B 250 -36.39 -17.07 -14.10
N ILE B 251 -35.57 -16.16 -13.56
CA ILE B 251 -34.14 -16.43 -13.47
C ILE B 251 -33.88 -17.65 -12.59
N CYS B 252 -34.62 -17.75 -11.47
CA CYS B 252 -34.48 -18.92 -10.61
C CYS B 252 -34.86 -20.20 -11.35
N HIS B 253 -35.94 -20.13 -12.15
CA HIS B 253 -36.38 -21.32 -12.88
C HIS B 253 -35.33 -21.79 -13.87
N GLN B 254 -34.68 -20.84 -14.56
CA GLN B 254 -33.61 -21.21 -15.49
C GLN B 254 -32.40 -21.78 -14.77
N ILE B 255 -32.09 -21.28 -13.57
CA ILE B 255 -30.93 -21.77 -12.84
C ILE B 255 -31.20 -23.15 -12.26
N LEU B 256 -32.37 -23.32 -11.65
CA LEU B 256 -32.70 -24.64 -11.06
C LEU B 256 -32.86 -25.66 -12.19
N ASP B 257 -33.11 -25.20 -13.41
CA ASP B 257 -33.18 -26.13 -14.53
C ASP B 257 -31.85 -26.85 -14.73
N LEU B 258 -30.73 -26.18 -14.41
CA LEU B 258 -29.43 -26.84 -14.45
C LEU B 258 -29.30 -27.93 -13.41
N TYR B 259 -30.18 -27.91 -12.42
CA TYR B 259 -30.12 -28.94 -11.36
C TYR B 259 -31.16 -30.03 -11.66
N SER B 260 -31.63 -30.11 -12.90
CA SER B 260 -32.52 -31.20 -13.28
C SER B 260 -31.96 -32.52 -12.77
N GLN B 261 -30.62 -32.61 -12.74
CA GLN B 261 -29.95 -33.86 -12.28
C GLN B 261 -29.21 -33.63 -10.96
N GLY B 262 -28.47 -32.52 -10.84
CA GLY B 262 -27.67 -32.19 -9.66
C GLY B 262 -28.48 -31.74 -8.47
N LYS B 263 -27.90 -31.82 -7.26
CA LYS B 263 -28.57 -31.39 -6.00
C LYS B 263 -28.34 -29.88 -5.83
N GLN B 264 -29.44 -29.16 -5.57
CA GLN B 264 -29.41 -27.68 -5.47
C GLN B 264 -28.57 -27.17 -4.30
N GLN B 265 -27.53 -26.37 -4.58
CA GLN B 265 -26.65 -25.71 -3.62
C GLN B 265 -25.40 -25.24 -4.35
N ILE C 3 11.24 3.50 38.50
CA ILE C 3 11.62 4.91 38.39
C ILE C 3 12.94 5.04 37.66
N ASP C 4 13.97 4.38 38.19
CA ASP C 4 15.32 4.41 37.61
C ASP C 4 15.75 2.96 37.36
N TRP C 5 15.67 2.53 36.10
CA TRP C 5 16.01 1.17 35.72
C TRP C 5 17.49 1.10 35.35
N GLY C 6 18.12 0.00 35.72
CA GLY C 6 19.52 -0.22 35.39
C GLY C 6 20.47 0.02 36.55
N LYS C 7 19.97 0.60 37.63
CA LYS C 7 20.74 1.12 38.76
C LYS C 7 21.06 0.07 39.81
N ARG C 8 20.07 -0.71 40.21
CA ARG C 8 20.24 -1.71 41.24
C ARG C 8 20.94 -2.96 40.69
N CYS C 9 21.50 -3.74 41.60
CA CYS C 9 22.35 -4.86 41.25
C CYS C 9 21.59 -6.17 41.38
N VAL C 10 22.10 -7.20 40.70
CA VAL C 10 21.47 -8.52 40.77
C VAL C 10 21.67 -9.13 42.14
N ASP C 11 22.62 -8.61 42.92
CA ASP C 11 22.88 -9.12 44.26
C ASP C 11 21.64 -9.05 45.15
N LYS C 12 20.67 -8.19 44.82
CA LYS C 12 19.41 -8.10 45.53
C LYS C 12 18.46 -9.25 45.21
N PHE C 13 18.90 -10.23 44.42
CA PHE C 13 18.11 -11.40 44.12
C PHE C 13 18.92 -12.65 44.41
N ASP C 14 18.25 -13.68 44.91
CA ASP C 14 18.85 -15.00 45.12
C ASP C 14 18.28 -15.94 44.06
N ILE C 15 19.15 -16.38 43.14
CA ILE C 15 18.73 -17.24 42.05
C ILE C 15 18.41 -18.64 42.58
N ILE C 16 17.33 -19.21 42.08
CA ILE C 16 16.90 -20.54 42.47
C ILE C 16 17.28 -21.59 41.43
N GLY C 17 17.24 -21.23 40.15
CA GLY C 17 17.59 -22.18 39.12
C GLY C 17 17.27 -21.64 37.74
N ILE C 18 17.64 -22.45 36.75
CA ILE C 18 17.43 -22.14 35.35
C ILE C 18 16.03 -22.58 34.94
N ILE C 19 15.30 -21.70 34.25
CA ILE C 19 13.97 -22.05 33.78
C ILE C 19 14.01 -22.49 32.32
N GLY C 20 14.93 -21.92 31.54
CA GLY C 20 15.03 -22.29 30.14
C GLY C 20 15.88 -21.29 29.38
N GLU C 21 15.68 -21.28 28.06
CA GLU C 21 16.40 -20.40 27.15
C GLU C 21 15.39 -19.58 26.36
N GLY C 22 15.65 -18.28 26.27
CA GLY C 22 14.81 -17.35 25.56
C GLY C 22 15.43 -16.86 24.27
N THR C 23 14.99 -15.68 23.83
CA THR C 23 15.46 -15.14 22.57
C THR C 23 16.86 -14.56 22.67
N TYR C 24 17.34 -14.23 23.87
CA TYR C 24 18.66 -13.61 23.99
C TYR C 24 19.43 -14.10 25.21
N GLY C 25 19.14 -15.31 25.70
CA GLY C 25 19.92 -15.86 26.79
C GLY C 25 19.07 -16.73 27.68
N GLN C 26 19.70 -17.19 28.77
CA GLN C 26 19.02 -18.02 29.75
C GLN C 26 18.07 -17.16 30.59
N VAL C 27 17.12 -17.83 31.23
CA VAL C 27 16.12 -17.18 32.08
C VAL C 27 16.05 -17.93 33.40
N TYR C 28 16.11 -17.19 34.50
CA TYR C 28 16.27 -17.78 35.83
C TYR C 28 15.06 -17.48 36.71
N LYS C 29 14.67 -18.48 37.49
CA LYS C 29 13.78 -18.26 38.62
C LYS C 29 14.58 -17.73 39.81
N ALA C 30 14.10 -16.65 40.43
CA ALA C 30 14.83 -16.01 41.51
C ALA C 30 13.83 -15.37 42.47
N ARG C 31 14.27 -15.20 43.71
CA ARG C 31 13.47 -14.61 44.77
C ARG C 31 14.10 -13.30 45.23
N ASP C 32 13.28 -12.25 45.33
CA ASP C 32 13.78 -10.96 45.81
C ASP C 32 14.15 -11.06 47.29
N LYS C 33 15.29 -10.47 47.65
CA LYS C 33 15.81 -10.60 49.01
C LYS C 33 14.83 -10.02 50.03
N ASP C 34 14.30 -8.82 49.77
CA ASP C 34 13.51 -8.12 50.78
C ASP C 34 12.03 -8.34 50.58
N THR C 35 11.53 -8.19 49.35
CA THR C 35 10.10 -8.35 49.12
C THR C 35 9.68 -9.79 49.37
N GLY C 36 10.45 -10.76 48.87
CA GLY C 36 10.07 -12.15 48.97
C GLY C 36 9.30 -12.70 47.79
N GLU C 37 9.04 -11.87 46.78
CA GLU C 37 8.30 -12.30 45.61
C GLU C 37 9.23 -12.94 44.59
N MET C 38 8.68 -13.90 43.85
CA MET C 38 9.44 -14.62 42.83
C MET C 38 9.40 -13.85 41.52
N VAL C 39 10.50 -13.96 40.78
CA VAL C 39 10.67 -13.24 39.52
C VAL C 39 11.31 -14.19 38.51
N ALA C 40 11.25 -13.80 37.25
CA ALA C 40 11.99 -14.45 36.18
C ALA C 40 13.00 -13.44 35.65
N LEU C 41 14.25 -13.88 35.52
CA LEU C 41 15.34 -13.01 35.11
C LEU C 41 15.78 -13.41 33.71
N LYS C 42 15.52 -12.53 32.74
CA LYS C 42 16.02 -12.72 31.38
C LYS C 42 17.42 -12.13 31.32
N LYS C 43 18.43 -12.98 31.23
CA LYS C 43 19.80 -12.50 31.22
C LYS C 43 20.15 -12.03 29.82
N VAL C 44 20.71 -10.82 29.74
CA VAL C 44 21.08 -10.20 28.48
C VAL C 44 22.60 -10.01 28.52
N ARG C 45 23.34 -10.92 27.90
CA ARG C 45 24.77 -10.75 27.76
C ARG C 45 25.09 -9.74 26.66
N LEU C 46 26.12 -8.95 26.90
CA LEU C 46 26.46 -7.77 26.09
C LEU C 46 27.74 -7.96 25.28
N ASP C 47 28.76 -8.58 25.86
CA ASP C 47 30.09 -8.60 25.25
C ASP C 47 30.24 -9.67 24.17
N ASN C 48 29.39 -10.69 24.17
CA ASN C 48 29.54 -11.80 23.20
C ASN C 48 28.86 -11.45 21.88
N GLU C 49 28.06 -10.38 21.85
CA GLU C 49 27.38 -10.03 20.57
C GLU C 49 28.20 -9.01 19.77
N LYS C 50 28.17 -9.14 18.44
CA LYS C 50 28.93 -8.26 17.53
C LYS C 50 28.31 -6.86 17.56
N GLU C 51 26.99 -6.78 17.71
CA GLU C 51 26.29 -5.47 17.73
C GLU C 51 25.95 -5.01 19.16
N GLY C 52 26.46 -5.72 20.17
CA GLY C 52 26.24 -5.36 21.59
C GLY C 52 24.95 -5.96 22.12
N PHE C 53 24.12 -5.13 22.76
CA PHE C 53 22.82 -5.61 23.32
C PHE C 53 21.93 -6.09 22.18
N PRO C 54 21.19 -7.20 22.34
CA PRO C 54 20.31 -7.72 21.28
C PRO C 54 19.15 -6.75 20.99
N ILE C 55 19.00 -6.37 19.72
CA ILE C 55 17.91 -5.45 19.29
C ILE C 55 16.58 -5.99 19.81
N THR C 56 16.47 -7.33 19.87
CA THR C 56 15.25 -7.99 20.35
C THR C 56 14.94 -7.58 21.78
N ALA C 57 15.97 -7.45 22.63
CA ALA C 57 15.76 -6.96 23.98
C ALA C 57 15.35 -5.50 23.96
N ILE C 58 16.04 -4.68 23.16
CA ILE C 58 15.66 -3.27 23.02
C ILE C 58 14.19 -3.16 22.66
N ARG C 59 13.75 -3.99 21.71
CA ARG C 59 12.37 -3.94 21.25
C ARG C 59 11.39 -4.34 22.35
N GLU C 60 11.70 -5.41 23.08
CA GLU C 60 10.80 -5.86 24.14
C GLU C 60 10.70 -4.83 25.26
N ILE C 61 11.85 -4.26 25.66
CA ILE C 61 11.84 -3.24 26.69
C ILE C 61 11.02 -2.03 26.24
N LYS C 62 11.20 -1.61 24.99
CA LYS C 62 10.51 -0.42 24.50
C LYS C 62 9.00 -0.61 24.52
N ILE C 63 8.52 -1.80 24.17
CA ILE C 63 7.09 -2.03 24.07
C ILE C 63 6.48 -2.32 25.44
N LEU C 64 7.16 -3.11 26.26
CA LEU C 64 6.57 -3.51 27.54
C LEU C 64 6.47 -2.35 28.53
N ARG C 65 7.28 -1.30 28.34
CA ARG C 65 7.13 -0.11 29.19
C ARG C 65 5.92 0.71 28.80
N GLN C 66 5.41 0.53 27.58
CA GLN C 66 4.24 1.23 27.09
C GLN C 66 2.96 0.43 27.25
N LEU C 67 3.05 -0.83 27.64
CA LEU C 67 1.88 -1.68 27.85
C LEU C 67 1.81 -2.04 29.32
N THR C 68 0.70 -1.67 29.96
CA THR C 68 0.43 -2.02 31.35
C THR C 68 -1.00 -2.55 31.44
N HIS C 69 -1.13 -3.83 31.74
CA HIS C 69 -2.43 -4.49 31.79
C HIS C 69 -2.30 -5.75 32.62
N GLN C 70 -3.40 -6.13 33.28
CA GLN C 70 -3.37 -7.28 34.18
C GLN C 70 -3.12 -8.59 33.44
N SER C 71 -3.41 -8.64 32.13
CA SER C 71 -3.22 -9.85 31.34
C SER C 71 -1.96 -9.79 30.48
N ILE C 72 -1.10 -8.81 30.71
CA ILE C 72 0.19 -8.71 30.02
C ILE C 72 1.30 -8.93 31.04
N ILE C 73 2.32 -9.68 30.63
CA ILE C 73 3.45 -9.91 31.53
C ILE C 73 4.07 -8.57 31.92
N ASN C 74 4.37 -8.43 33.21
CA ASN C 74 4.84 -7.18 33.78
C ASN C 74 6.36 -7.23 33.91
N MET C 75 7.06 -6.45 33.08
CA MET C 75 8.48 -6.23 33.31
C MET C 75 8.62 -5.21 34.42
N LYS C 76 9.17 -5.64 35.55
CA LYS C 76 9.19 -4.82 36.75
C LYS C 76 10.37 -3.86 36.78
N GLU C 77 11.52 -4.27 36.28
CA GLU C 77 12.73 -3.48 36.40
C GLU C 77 13.83 -4.12 35.55
N ILE C 78 15.00 -3.50 35.58
CA ILE C 78 16.19 -4.05 34.95
C ILE C 78 17.35 -3.88 35.92
N VAL C 79 18.01 -4.99 36.26
CA VAL C 79 19.14 -4.96 37.17
C VAL C 79 20.39 -5.31 36.39
N THR C 80 21.55 -5.24 37.04
CA THR C 80 22.83 -5.44 36.37
C THR C 80 23.68 -6.37 37.22
N ASP C 81 24.78 -6.85 36.63
CA ASP C 81 25.74 -7.62 37.39
C ASP C 81 26.52 -6.68 38.29
N LYS C 82 27.17 -7.27 39.29
CA LYS C 82 28.02 -6.46 40.15
C LYS C 82 29.06 -5.78 39.28
N GLU C 83 29.23 -4.47 39.45
CA GLU C 83 30.04 -3.69 38.54
C GLU C 83 31.22 -3.12 39.30
N ASP C 84 32.42 -3.20 38.71
CA ASP C 84 33.66 -2.87 39.48
C ASP C 84 34.12 -1.41 39.45
N ALA C 85 35.36 -1.17 39.92
CA ALA C 85 35.89 0.21 40.08
C ALA C 85 36.15 0.98 38.78
N LEU C 86 37.00 0.44 37.90
CA LEU C 86 37.32 1.10 36.60
C LEU C 86 37.00 0.09 35.51
N ASP C 87 35.72 -0.02 35.12
CA ASP C 87 35.32 -1.12 34.20
C ASP C 87 34.99 -0.63 32.79
N PHE C 88 35.24 0.64 32.50
CA PHE C 88 35.03 1.06 31.10
C PHE C 88 35.81 0.10 30.21
N LYS C 89 37.06 -0.19 30.59
CA LYS C 89 37.90 -1.14 29.82
C LYS C 89 37.17 -2.47 29.54
N LYS C 90 36.74 -3.22 30.56
CA LYS C 90 36.18 -4.54 30.20
C LYS C 90 35.24 -4.97 31.33
N ASP C 91 34.08 -4.29 31.44
CA ASP C 91 33.10 -4.68 32.48
C ASP C 91 32.73 -6.13 32.23
N LYS C 92 32.40 -6.48 30.99
CA LYS C 92 32.14 -7.91 30.68
C LYS C 92 31.00 -8.34 31.60
N GLY C 93 30.10 -7.41 31.93
CA GLY C 93 29.00 -7.70 32.85
C GLY C 93 27.73 -7.86 32.07
N ALA C 94 26.60 -8.02 32.75
CA ALA C 94 25.39 -8.32 31.97
C ALA C 94 24.18 -7.63 32.62
N PHE C 95 23.06 -7.58 31.89
CA PHE C 95 21.82 -6.99 32.37
C PHE C 95 20.80 -8.11 32.58
N TYR C 96 19.79 -7.82 33.40
CA TYR C 96 18.75 -8.79 33.70
C TYR C 96 17.41 -8.07 33.66
N LEU C 97 16.50 -8.53 32.81
CA LEU C 97 15.14 -8.01 32.78
C LEU C 97 14.32 -8.79 33.80
N VAL C 98 13.68 -8.06 34.71
CA VAL C 98 12.96 -8.66 35.83
C VAL C 98 11.48 -8.69 35.50
N PHE C 99 10.91 -9.89 35.44
CA PHE C 99 9.49 -10.08 35.21
C PHE C 99 8.86 -10.73 36.44
N GLU C 100 7.58 -10.46 36.65
CA GLU C 100 6.82 -11.20 37.64
C GLU C 100 6.80 -12.68 37.26
N TYR C 101 7.01 -13.54 38.24
CA TYR C 101 7.11 -14.96 37.99
C TYR C 101 5.74 -15.58 37.75
N MET C 102 5.65 -16.39 36.70
CA MET C 102 4.47 -17.20 36.44
C MET C 102 4.83 -18.66 36.63
N ASP C 103 3.84 -19.46 37.02
CA ASP C 103 4.09 -20.82 37.45
C ASP C 103 4.09 -21.82 36.30
N HIS C 104 3.25 -21.62 35.28
CA HIS C 104 3.14 -22.56 34.18
C HIS C 104 2.98 -21.80 32.88
N ASP C 105 3.15 -22.53 31.77
CA ASP C 105 2.68 -22.13 30.46
C ASP C 105 1.62 -23.13 30.01
N LEU C 106 0.73 -22.67 29.13
CA LEU C 106 -0.43 -23.47 28.78
C LEU C 106 -0.06 -24.78 28.11
N MET C 107 0.95 -24.75 27.23
CA MET C 107 1.31 -25.97 26.51
C MET C 107 1.89 -27.02 27.43
N GLY C 108 2.73 -26.62 28.39
CA GLY C 108 3.23 -27.58 29.36
C GLY C 108 2.12 -28.15 30.21
N LEU C 109 1.09 -27.35 30.51
CA LEU C 109 -0.05 -27.85 31.26
C LEU C 109 -0.86 -28.86 30.46
N LEU C 110 -0.98 -28.65 29.14
CA LEU C 110 -1.79 -29.54 28.32
C LEU C 110 -1.10 -30.88 28.08
N GLU C 111 0.22 -30.88 27.96
CA GLU C 111 0.99 -32.11 27.80
C GLU C 111 1.19 -32.84 29.12
N SER C 112 0.88 -32.14 30.21
CA SER C 112 1.12 -32.59 31.60
C SER C 112 0.27 -33.81 31.98
N GLY C 113 0.08 -34.74 31.05
CA GLY C 113 -0.72 -35.94 31.36
C GLY C 113 -2.09 -35.55 31.89
N LEU C 114 -2.33 -35.80 33.18
CA LEU C 114 -3.64 -35.48 33.82
C LEU C 114 -3.65 -34.04 34.36
N VAL C 115 -4.48 -33.20 33.74
CA VAL C 115 -4.73 -31.76 34.02
C VAL C 115 -5.96 -31.50 33.16
N HIS C 116 -7.08 -31.12 33.75
CA HIS C 116 -8.25 -31.06 32.88
C HIS C 116 -8.93 -29.71 32.99
N PHE C 117 -9.10 -29.04 31.85
CA PHE C 117 -9.81 -27.78 31.78
C PHE C 117 -11.22 -28.05 31.30
N ASN C 118 -12.21 -27.74 32.13
CA ASN C 118 -13.59 -27.82 31.68
C ASN C 118 -13.96 -26.52 30.97
N GLU C 119 -15.23 -26.41 30.57
CA GLU C 119 -15.66 -25.25 29.80
C GLU C 119 -15.48 -23.97 30.60
N ASN C 120 -15.79 -24.02 31.91
CA ASN C 120 -15.68 -22.81 32.73
C ASN C 120 -14.23 -22.35 32.85
N HIS C 121 -13.29 -23.28 32.95
CA HIS C 121 -11.88 -22.90 32.96
C HIS C 121 -11.49 -22.23 31.65
N ILE C 122 -11.90 -22.82 30.53
CA ILE C 122 -11.59 -22.26 29.22
C ILE C 122 -12.28 -20.91 29.04
N LYS C 123 -13.46 -20.74 29.63
CA LYS C 123 -14.14 -19.45 29.58
C LYS C 123 -13.25 -18.35 30.16
N SER C 124 -12.73 -18.57 31.37
CA SER C 124 -11.90 -17.55 32.01
C SER C 124 -10.60 -17.33 31.25
N PHE C 125 -9.98 -18.41 30.77
CA PHE C 125 -8.71 -18.27 30.08
C PHE C 125 -8.86 -17.41 28.83
N MET C 126 -9.83 -17.74 27.99
CA MET C 126 -10.04 -16.97 26.77
C MET C 126 -10.49 -15.55 27.08
N ARG C 127 -11.28 -15.36 28.14
CA ARG C 127 -11.69 -14.02 28.53
C ARG C 127 -10.48 -13.15 28.84
N GLN C 128 -9.57 -13.66 29.68
CA GLN C 128 -8.38 -12.89 30.03
C GLN C 128 -7.48 -12.66 28.83
N LEU C 129 -7.35 -13.67 27.96
CA LEU C 129 -6.48 -13.54 26.80
C LEU C 129 -7.00 -12.49 25.84
N MET C 130 -8.31 -12.48 25.58
CA MET C 130 -8.87 -11.50 24.64
C MET C 130 -8.83 -10.10 25.22
N GLU C 131 -8.99 -9.95 26.54
CA GLU C 131 -8.85 -8.63 27.16
C GLU C 131 -7.43 -8.10 26.98
N GLY C 132 -6.44 -8.93 27.27
CA GLY C 132 -5.06 -8.51 27.08
C GLY C 132 -4.74 -8.23 25.63
N LEU C 133 -5.29 -9.05 24.72
CA LEU C 133 -5.05 -8.83 23.29
C LEU C 133 -5.80 -7.60 22.80
N ASP C 134 -7.02 -7.37 23.32
CA ASP C 134 -7.73 -6.15 22.99
C ASP C 134 -6.95 -4.91 23.41
N TYR C 135 -6.34 -4.96 24.60
CA TYR C 135 -5.53 -3.84 25.07
C TYR C 135 -4.35 -3.59 24.14
N CYS C 136 -3.69 -4.65 23.67
CA CYS C 136 -2.49 -4.46 22.81
C CYS C 136 -2.91 -3.84 21.47
N HIS C 137 -3.99 -4.33 20.89
CA HIS C 137 -4.46 -3.84 19.57
C HIS C 137 -4.91 -2.38 19.65
N LYS C 138 -5.55 -1.98 20.74
CA LYS C 138 -6.06 -0.60 20.87
C LYS C 138 -4.87 0.35 21.01
N LYS C 139 -3.73 -0.17 21.47
CA LYS C 139 -2.51 0.68 21.54
C LYS C 139 -1.64 0.65 20.27
N ASN C 140 -2.11 0.06 19.16
CA ASN C 140 -1.39 0.02 17.86
C ASN C 140 -0.11 -0.85 17.88
N PHE C 141 -0.19 -2.01 18.52
CA PHE C 141 0.82 -3.05 18.62
C PHE C 141 0.26 -4.38 18.16
N LEU C 142 1.03 -5.09 17.35
CA LEU C 142 0.75 -6.47 16.97
C LEU C 142 1.70 -7.39 17.73
N HIS C 143 1.17 -8.50 18.24
CA HIS C 143 2.01 -9.41 19.00
C HIS C 143 2.88 -10.26 18.10
N ARG C 144 2.27 -10.92 17.10
CA ARG C 144 3.01 -11.65 16.07
C ARG C 144 3.76 -12.86 16.59
N ASP C 145 3.42 -13.37 17.78
CA ASP C 145 4.07 -14.58 18.27
C ASP C 145 3.19 -15.32 19.28
N ILE C 146 1.87 -15.23 19.13
CA ILE C 146 0.98 -15.90 20.04
C ILE C 146 1.06 -17.40 19.82
N LYS C 147 1.23 -18.15 20.91
CA LYS C 147 1.21 -19.61 20.88
C LYS C 147 1.02 -20.09 22.30
N CYS C 148 0.78 -21.40 22.45
CA CYS C 148 0.48 -21.95 23.77
C CYS C 148 1.66 -21.79 24.73
N SER C 149 2.90 -21.88 24.22
CA SER C 149 4.07 -21.77 25.07
C SER C 149 4.33 -20.34 25.54
N ASN C 150 3.66 -19.35 24.95
CA ASN C 150 3.80 -17.96 25.36
C ASN C 150 2.65 -17.47 26.23
N ILE C 151 1.71 -18.34 26.58
CA ILE C 151 0.57 -17.98 27.43
C ILE C 151 0.86 -18.52 28.82
N LEU C 152 1.09 -17.62 29.77
CA LEU C 152 1.50 -17.97 31.12
C LEU C 152 0.31 -17.99 32.06
N LEU C 153 0.44 -18.80 33.12
CA LEU C 153 -0.66 -19.01 34.06
C LEU C 153 -0.05 -19.25 35.44
N ASN C 154 -0.53 -18.50 36.42
CA ASN C 154 -0.09 -18.69 37.80
C ASN C 154 -1.09 -19.57 38.54
N ASN C 155 -0.91 -19.69 39.85
CA ASN C 155 -1.77 -20.53 40.67
C ASN C 155 -3.04 -19.81 41.14
N ARG C 156 -3.10 -18.49 41.00
CA ARG C 156 -4.33 -17.76 41.23
C ARG C 156 -5.30 -17.85 40.06
N GLY C 157 -4.91 -18.53 38.98
CA GLY C 157 -5.76 -18.65 37.82
C GLY C 157 -5.65 -17.52 36.83
N GLN C 158 -4.57 -16.75 36.88
CA GLN C 158 -4.42 -15.54 36.07
C GLN C 158 -3.61 -15.84 34.82
N ILE C 159 -4.17 -15.52 33.66
CA ILE C 159 -3.51 -15.67 32.37
C ILE C 159 -2.72 -14.40 32.07
N LYS C 160 -1.51 -14.58 31.57
CA LYS C 160 -0.69 -13.43 31.19
C LYS C 160 0.04 -13.73 29.90
N LEU C 161 0.00 -12.76 28.98
CA LEU C 161 0.62 -12.89 27.66
C LEU C 161 2.04 -12.34 27.72
N ALA C 162 2.99 -13.08 27.14
CA ALA C 162 4.39 -12.71 27.25
C ALA C 162 5.08 -12.81 25.89
N ASP C 163 6.39 -12.55 25.90
CA ASP C 163 7.26 -12.66 24.73
C ASP C 163 6.86 -11.66 23.64
N PHE C 164 7.07 -10.39 23.96
CA PHE C 164 6.81 -9.29 23.03
C PHE C 164 8.04 -8.93 22.20
N GLY C 165 9.04 -9.79 22.15
CA GLY C 165 10.24 -9.48 21.37
C GLY C 165 9.95 -9.29 19.89
N LEU C 166 9.02 -10.08 19.35
CA LEU C 166 8.68 -10.02 17.94
C LEU C 166 7.53 -9.06 17.64
N ALA C 167 7.04 -8.32 18.64
CA ALA C 167 5.95 -7.38 18.44
C ALA C 167 6.45 -6.12 17.72
N ARG C 168 5.51 -5.39 17.13
CA ARG C 168 5.84 -4.15 16.44
C ARG C 168 4.61 -3.26 16.38
N LEU C 169 4.87 -1.97 16.16
CA LEU C 169 3.81 -0.97 16.03
C LEU C 169 3.23 -1.03 14.63
N TYR C 170 1.90 -0.95 14.54
CA TYR C 170 1.20 -0.95 13.26
C TYR C 170 0.40 0.32 13.12
N SER C 171 0.26 0.76 11.88
CA SER C 171 -0.49 2.01 11.55
C SER C 171 -1.89 1.64 11.05
N SER C 172 -2.92 2.02 11.80
CA SER C 172 -4.32 1.73 11.41
C SER C 172 -4.76 2.76 10.37
N GLU C 173 -4.27 4.00 10.49
CA GLU C 173 -4.66 5.09 9.57
C GLU C 173 -4.04 4.84 8.17
N GLU C 174 -2.73 4.57 8.11
CA GLU C 174 -2.05 4.37 6.80
C GLU C 174 -1.59 2.91 6.65
N SER C 175 -1.80 2.34 5.46
CA SER C 175 -1.41 0.98 5.15
C SER C 175 0.09 0.99 4.84
N ARG C 176 0.84 0.13 5.53
CA ARG C 176 2.29 0.01 5.43
C ARG C 176 2.68 -1.46 5.34
N PRO C 177 3.73 -1.76 4.58
CA PRO C 177 4.18 -3.15 4.45
C PRO C 177 4.93 -3.57 5.70
N TYR C 178 4.73 -4.83 6.08
CA TYR C 178 5.38 -5.39 7.26
C TYR C 178 6.13 -6.68 6.94
N TPO C 179 6.81 -7.23 7.94
CA TPO C 179 7.54 -8.47 7.78
CB TPO C 179 8.51 -8.67 8.95
CG2 TPO C 179 9.25 -9.99 8.79
OG1 TPO C 179 9.45 -7.59 8.95
P TPO C 179 9.23 -6.70 10.27
O1P TPO C 179 9.33 -7.55 11.47
O2P TPO C 179 10.36 -5.55 10.33
O3P TPO C 179 7.78 -6.01 10.23
C TPO C 179 6.58 -9.67 7.65
O TPO C 179 5.63 -9.78 8.42
N ASN C 180 6.84 -10.55 6.69
CA ASN C 180 5.88 -11.60 6.32
C ASN C 180 5.94 -12.86 7.19
N LYS C 181 7.15 -13.35 7.48
CA LYS C 181 7.31 -14.57 8.28
C LYS C 181 7.47 -14.15 9.74
N VAL C 182 6.35 -14.02 10.44
CA VAL C 182 6.31 -13.40 11.76
C VAL C 182 5.86 -14.39 12.83
N ILE C 183 4.80 -15.15 12.56
CA ILE C 183 4.20 -16.03 13.56
C ILE C 183 4.69 -17.45 13.38
N THR C 184 4.78 -18.18 14.50
CA THR C 184 5.15 -19.58 14.43
C THR C 184 4.20 -20.34 13.51
N LEU C 185 4.76 -21.31 12.78
CA LEU C 185 4.04 -21.89 11.64
C LEU C 185 2.69 -22.47 12.04
N TRP C 186 2.63 -23.13 13.19
CA TRP C 186 1.40 -23.81 13.59
C TRP C 186 0.27 -22.84 13.91
N TYR C 187 0.59 -21.57 14.16
CA TYR C 187 -0.41 -20.57 14.52
C TYR C 187 -0.50 -19.44 13.49
N ARG C 188 0.10 -19.61 12.33
CA ARG C 188 0.16 -18.54 11.34
C ARG C 188 -1.11 -18.54 10.50
N PRO C 189 -1.74 -17.38 10.30
CA PRO C 189 -2.99 -17.32 9.53
C PRO C 189 -2.73 -17.56 8.06
N PRO C 190 -3.79 -17.83 7.28
CA PRO C 190 -3.59 -18.19 5.86
C PRO C 190 -3.12 -17.02 5.00
N GLU C 191 -3.46 -15.78 5.37
CA GLU C 191 -3.04 -14.65 4.56
C GLU C 191 -1.52 -14.47 4.60
N LEU C 192 -0.88 -14.83 5.71
CA LEU C 192 0.59 -14.79 5.76
C LEU C 192 1.19 -15.93 4.96
N LEU C 193 0.55 -17.11 4.99
CA LEU C 193 1.04 -18.23 4.19
C LEU C 193 0.98 -17.93 2.69
N LEU C 194 0.08 -17.04 2.28
CA LEU C 194 -0.08 -16.66 0.89
C LEU C 194 0.69 -15.40 0.52
N GLY C 195 1.52 -14.88 1.43
CA GLY C 195 2.44 -13.81 1.10
C GLY C 195 1.95 -12.41 1.36
N GLU C 196 0.93 -12.23 2.20
CA GLU C 196 0.45 -10.90 2.52
C GLU C 196 1.50 -10.13 3.34
N GLU C 197 1.75 -8.87 2.94
CA GLU C 197 2.67 -8.01 3.66
C GLU C 197 2.00 -6.82 4.35
N ARG C 198 0.81 -6.43 3.91
CA ARG C 198 0.07 -5.34 4.54
C ARG C 198 -1.09 -5.93 5.33
N TYR C 199 -0.76 -6.58 6.45
CA TYR C 199 -1.73 -7.31 7.24
C TYR C 199 -2.20 -6.47 8.43
N THR C 200 -3.02 -7.10 9.25
CA THR C 200 -3.82 -6.43 10.28
C THR C 200 -3.69 -7.17 11.59
N PRO C 201 -4.26 -6.61 12.67
CA PRO C 201 -4.29 -7.33 13.95
C PRO C 201 -5.01 -8.67 13.87
N ALA C 202 -5.71 -8.96 12.77
CA ALA C 202 -6.41 -10.23 12.63
C ALA C 202 -5.46 -11.42 12.66
N ILE C 203 -4.17 -11.20 12.40
CA ILE C 203 -3.23 -12.32 12.46
C ILE C 203 -3.12 -12.85 13.88
N ASP C 204 -3.22 -11.96 14.88
CA ASP C 204 -3.19 -12.41 16.27
C ASP C 204 -4.48 -13.13 16.63
N VAL C 205 -5.62 -12.70 16.08
CA VAL C 205 -6.88 -13.34 16.39
C VAL C 205 -6.91 -14.78 15.87
N TRP C 206 -6.33 -15.01 14.69
CA TRP C 206 -6.23 -16.37 14.19
C TRP C 206 -5.45 -17.26 15.15
N SER C 207 -4.31 -16.76 15.66
CA SER C 207 -3.52 -17.54 16.58
C SER C 207 -4.31 -17.89 17.83
N CYS C 208 -5.09 -16.94 18.34
CA CYS C 208 -5.91 -17.20 19.52
C CYS C 208 -7.01 -18.21 19.21
N GLY C 209 -7.53 -18.21 17.98
CA GLY C 209 -8.49 -19.23 17.60
C GLY C 209 -7.88 -20.62 17.64
N CYS C 210 -6.61 -20.74 17.25
CA CYS C 210 -5.90 -22.01 17.38
C CYS C 210 -5.73 -22.39 18.84
N ILE C 211 -5.47 -21.40 19.70
CA ILE C 211 -5.36 -21.68 21.13
C ILE C 211 -6.68 -22.22 21.66
N LEU C 212 -7.80 -21.64 21.23
CA LEU C 212 -9.10 -22.07 21.72
C LEU C 212 -9.33 -23.54 21.42
N GLY C 213 -9.13 -23.94 20.16
CA GLY C 213 -9.30 -25.35 19.82
C GLY C 213 -8.31 -26.25 20.55
N GLU C 214 -7.09 -25.75 20.75
CA GLU C 214 -6.08 -26.51 21.48
C GLU C 214 -6.39 -26.60 22.97
N LEU C 215 -7.33 -25.81 23.47
CA LEU C 215 -7.79 -26.01 24.84
C LEU C 215 -8.81 -27.14 24.94
N PHE C 216 -9.59 -27.35 23.88
CA PHE C 216 -10.55 -28.46 23.86
C PHE C 216 -9.91 -29.75 23.36
N THR C 217 -9.13 -29.70 22.30
CA THR C 217 -8.24 -30.80 21.99
C THR C 217 -6.93 -30.53 22.71
N LYS C 218 -6.21 -31.58 23.05
CA LYS C 218 -4.98 -31.40 23.81
C LYS C 218 -3.76 -31.20 22.91
N LYS C 219 -3.92 -31.30 21.60
CA LYS C 219 -2.83 -31.12 20.66
C LYS C 219 -3.09 -29.88 19.80
N PRO C 220 -2.05 -29.27 19.26
CA PRO C 220 -2.26 -28.20 18.27
C PRO C 220 -3.06 -28.73 17.10
N ILE C 221 -3.96 -27.89 16.59
CA ILE C 221 -4.93 -28.34 15.61
C ILE C 221 -4.42 -28.30 14.17
N PHE C 222 -3.42 -27.47 13.87
CA PHE C 222 -2.78 -27.46 12.55
C PHE C 222 -1.27 -27.59 12.74
N GLN C 223 -0.75 -28.81 12.61
CA GLN C 223 0.67 -29.12 12.80
C GLN C 223 1.28 -29.59 11.48
N ALA C 224 2.02 -28.70 10.81
CA ALA C 224 2.80 -29.04 9.64
C ALA C 224 4.21 -28.48 9.79
N ASN C 225 5.11 -28.91 8.90
CA ASN C 225 6.50 -28.48 8.98
C ASN C 225 6.90 -27.52 7.86
N GLN C 226 6.03 -27.29 6.87
CA GLN C 226 6.30 -26.33 5.82
C GLN C 226 5.01 -25.58 5.49
N GLU C 227 5.15 -24.41 4.85
CA GLU C 227 3.98 -23.56 4.63
C GLU C 227 2.95 -24.24 3.71
N LEU C 228 3.41 -24.92 2.67
CA LEU C 228 2.48 -25.56 1.74
C LEU C 228 1.62 -26.60 2.46
N ALA C 229 2.25 -27.48 3.23
CA ALA C 229 1.49 -28.46 4.00
C ALA C 229 0.61 -27.80 5.05
N GLN C 230 1.06 -26.68 5.62
CA GLN C 230 0.27 -25.99 6.64
C GLN C 230 -1.03 -25.46 6.06
N LEU C 231 -0.95 -24.82 4.89
CA LEU C 231 -2.17 -24.35 4.23
C LEU C 231 -3.07 -25.51 3.82
N GLU C 232 -2.50 -26.67 3.50
CA GLU C 232 -3.30 -27.84 3.18
C GLU C 232 -4.11 -28.29 4.39
N LEU C 233 -3.45 -28.36 5.56
CA LEU C 233 -4.13 -28.80 6.77
C LEU C 233 -5.24 -27.82 7.16
N ILE C 234 -4.99 -26.52 6.97
CA ILE C 234 -6.01 -25.51 7.26
C ILE C 234 -7.21 -25.66 6.35
N SER C 235 -6.96 -25.91 5.06
CA SER C 235 -8.06 -25.97 4.10
C SER C 235 -8.99 -27.15 4.36
N ARG C 236 -8.43 -28.28 4.83
CA ARG C 236 -9.26 -29.45 5.08
C ARG C 236 -10.31 -29.21 6.16
N ILE C 237 -10.12 -28.22 7.02
CA ILE C 237 -11.02 -27.94 8.13
C ILE C 237 -11.81 -26.65 7.87
N CYS C 238 -11.12 -25.58 7.51
CA CYS C 238 -11.74 -24.28 7.34
C CYS C 238 -12.26 -24.05 5.93
N GLY C 239 -12.03 -24.99 5.02
CA GLY C 239 -12.40 -24.77 3.63
C GLY C 239 -11.24 -24.22 2.82
N SER C 240 -11.26 -24.54 1.53
CA SER C 240 -10.20 -24.06 0.66
C SER C 240 -10.34 -22.55 0.43
N PRO C 241 -9.23 -21.82 0.34
CA PRO C 241 -9.33 -20.38 0.03
C PRO C 241 -9.87 -20.19 -1.38
N CYS C 242 -10.92 -19.37 -1.50
CA CYS C 242 -11.55 -19.10 -2.77
C CYS C 242 -12.30 -17.78 -2.67
N PRO C 243 -12.56 -17.12 -3.79
CA PRO C 243 -13.20 -15.79 -3.74
C PRO C 243 -14.62 -15.82 -3.20
N ALA C 244 -15.30 -16.98 -3.21
CA ALA C 244 -16.66 -17.03 -2.68
C ALA C 244 -16.68 -16.68 -1.19
N VAL C 245 -15.71 -17.20 -0.44
CA VAL C 245 -15.58 -16.87 0.98
C VAL C 245 -14.56 -15.77 1.24
N TRP C 246 -13.71 -15.45 0.27
CA TRP C 246 -12.56 -14.56 0.50
C TRP C 246 -12.22 -13.85 -0.81
N PRO C 247 -12.92 -12.76 -1.12
CA PRO C 247 -12.79 -12.17 -2.46
C PRO C 247 -11.39 -11.71 -2.81
N ASP C 248 -10.64 -11.18 -1.84
CA ASP C 248 -9.29 -10.62 -2.15
C ASP C 248 -8.20 -11.70 -2.11
N VAL C 249 -8.57 -12.98 -2.00
CA VAL C 249 -7.53 -14.04 -1.93
C VAL C 249 -6.79 -14.16 -3.27
N ILE C 250 -7.40 -13.71 -4.37
CA ILE C 250 -6.76 -13.80 -5.68
C ILE C 250 -5.65 -12.79 -5.84
N LYS C 251 -5.61 -11.75 -5.01
CA LYS C 251 -4.56 -10.74 -5.07
C LYS C 251 -3.32 -11.13 -4.29
N LEU C 252 -3.29 -12.31 -3.68
CA LEU C 252 -2.13 -12.60 -2.85
C LEU C 252 -1.03 -13.26 -3.67
N PRO C 253 0.23 -12.97 -3.33
CA PRO C 253 1.35 -13.39 -4.21
C PRO C 253 1.39 -14.87 -4.52
N TYR C 254 1.01 -15.74 -3.58
CA TYR C 254 1.20 -17.18 -3.73
C TYR C 254 -0.10 -17.94 -3.87
N PHE C 255 -1.20 -17.26 -4.22
CA PHE C 255 -2.49 -17.94 -4.28
C PHE C 255 -2.50 -19.06 -5.31
N ASN C 256 -1.97 -18.80 -6.51
CA ASN C 256 -2.06 -19.80 -7.57
C ASN C 256 -1.05 -20.93 -7.38
N THR C 257 0.09 -20.66 -6.75
CA THR C 257 1.16 -21.64 -6.70
C THR C 257 1.09 -22.58 -5.49
N MET C 258 0.18 -22.34 -4.52
CA MET C 258 0.13 -23.27 -3.40
C MET C 258 -1.30 -23.56 -2.92
N LYS C 259 -2.29 -23.54 -3.83
CA LYS C 259 -3.62 -23.96 -3.43
C LYS C 259 -3.60 -25.47 -3.20
N PRO C 260 -4.53 -25.99 -2.41
CA PRO C 260 -4.68 -27.44 -2.34
C PRO C 260 -5.16 -27.98 -3.67
N LYS C 261 -4.91 -29.28 -3.89
CA LYS C 261 -5.39 -29.92 -5.11
C LYS C 261 -6.91 -29.94 -5.16
N LYS C 262 -7.54 -30.30 -4.04
CA LYS C 262 -8.99 -30.32 -3.96
C LYS C 262 -9.51 -28.97 -3.46
N GLN C 263 -10.77 -28.69 -3.80
CA GLN C 263 -11.49 -27.56 -3.26
C GLN C 263 -12.30 -28.08 -2.07
N TYR C 264 -11.82 -27.79 -0.86
CA TYR C 264 -12.45 -28.31 0.34
C TYR C 264 -13.61 -27.42 0.78
N ARG C 265 -14.61 -28.05 1.36
CA ARG C 265 -15.69 -27.34 2.03
C ARG C 265 -15.41 -27.27 3.52
N ARG C 266 -15.85 -26.18 4.15
CA ARG C 266 -15.62 -25.95 5.56
C ARG C 266 -16.33 -27.02 6.40
N LYS C 267 -15.56 -27.89 7.06
CA LYS C 267 -16.11 -28.93 7.92
C LYS C 267 -15.85 -28.64 9.39
N LEU C 268 -15.67 -27.37 9.75
CA LEU C 268 -15.21 -27.02 11.09
C LEU C 268 -16.26 -27.34 12.14
N ARG C 269 -17.54 -27.10 11.84
CA ARG C 269 -18.60 -27.34 12.83
C ARG C 269 -18.94 -28.81 12.98
N GLU C 270 -18.63 -29.63 11.99
CA GLU C 270 -18.85 -31.07 12.11
C GLU C 270 -17.65 -31.80 12.67
N GLU C 271 -16.44 -31.32 12.37
CA GLU C 271 -15.23 -31.95 12.87
C GLU C 271 -14.98 -31.65 14.34
N PHE C 272 -15.56 -30.57 14.87
CA PHE C 272 -15.39 -30.16 16.27
C PHE C 272 -16.73 -30.08 16.97
N VAL C 273 -17.63 -31.03 16.66
CA VAL C 273 -18.96 -31.00 17.24
C VAL C 273 -18.93 -31.20 18.74
N PHE C 274 -17.86 -31.79 19.28
CA PHE C 274 -17.76 -32.03 20.72
C PHE C 274 -17.56 -30.74 21.51
N ILE C 275 -17.31 -29.62 20.84
CA ILE C 275 -17.13 -28.33 21.52
C ILE C 275 -18.49 -27.72 21.79
N PRO C 276 -18.73 -27.15 22.98
CA PRO C 276 -20.03 -26.51 23.24
C PRO C 276 -20.42 -25.48 22.20
N ALA C 277 -21.72 -25.18 22.12
CA ALA C 277 -22.23 -24.38 21.01
C ALA C 277 -21.66 -22.96 21.02
N ALA C 278 -21.73 -22.29 22.17
CA ALA C 278 -21.26 -20.91 22.24
C ALA C 278 -19.77 -20.82 21.92
N ALA C 279 -18.99 -21.79 22.42
CA ALA C 279 -17.57 -21.81 22.11
C ALA C 279 -17.32 -22.13 20.64
N LEU C 280 -18.10 -23.06 20.09
CA LEU C 280 -17.93 -23.41 18.68
C LEU C 280 -18.24 -22.23 17.76
N ASP C 281 -19.13 -21.33 18.19
CA ASP C 281 -19.40 -20.13 17.40
C ASP C 281 -18.19 -19.20 17.40
N LEU C 282 -17.61 -18.97 18.58
CA LEU C 282 -16.40 -18.14 18.64
C LEU C 282 -15.25 -18.80 17.90
N PHE C 283 -15.11 -20.12 18.04
CA PHE C 283 -14.09 -20.85 17.29
C PHE C 283 -14.28 -20.65 15.80
N ASP C 284 -15.53 -20.79 15.33
CA ASP C 284 -15.83 -20.56 13.93
C ASP C 284 -15.56 -19.11 13.53
N TYR C 285 -15.85 -18.17 14.44
CA TYR C 285 -15.66 -16.75 14.15
C TYR C 285 -14.17 -16.42 14.01
N MET C 286 -13.33 -17.01 14.86
CA MET C 286 -11.92 -16.66 14.89
C MET C 286 -11.12 -17.32 13.77
N LEU C 287 -11.63 -18.41 13.19
CA LEU C 287 -10.93 -19.14 12.13
C LEU C 287 -11.50 -18.84 10.75
N ALA C 288 -12.12 -17.68 10.56
CA ALA C 288 -12.54 -17.28 9.23
C ALA C 288 -11.31 -17.07 8.34
N LEU C 289 -11.36 -17.62 7.13
CA LEU C 289 -10.22 -17.49 6.23
C LEU C 289 -9.96 -16.04 5.86
N ASP C 290 -11.01 -15.31 5.49
CA ASP C 290 -10.87 -13.90 5.14
C ASP C 290 -10.56 -13.10 6.39
N PRO C 291 -9.42 -12.40 6.45
CA PRO C 291 -9.12 -11.61 7.65
C PRO C 291 -10.18 -10.57 7.97
N SER C 292 -10.80 -9.98 6.95
CA SER C 292 -11.83 -8.97 7.19
C SER C 292 -13.12 -9.56 7.74
N LYS C 293 -13.35 -10.86 7.56
CA LYS C 293 -14.48 -11.54 8.17
C LYS C 293 -14.15 -12.09 9.55
N ARG C 294 -12.87 -12.09 9.92
CA ARG C 294 -12.46 -12.58 11.23
C ARG C 294 -12.83 -11.58 12.31
N CYS C 295 -13.33 -12.10 13.44
CA CYS C 295 -13.71 -11.22 14.53
C CYS C 295 -12.49 -10.51 15.10
N THR C 296 -12.71 -9.28 15.56
CA THR C 296 -11.67 -8.57 16.29
C THR C 296 -11.65 -9.04 17.74
N ALA C 297 -10.58 -8.67 18.46
CA ALA C 297 -10.54 -9.01 19.87
C ALA C 297 -11.71 -8.37 20.61
N GLU C 298 -12.14 -7.19 20.17
CA GLU C 298 -13.29 -6.50 20.79
C GLU C 298 -14.55 -7.34 20.56
N GLN C 299 -14.80 -7.71 19.32
CA GLN C 299 -16.01 -8.48 19.01
C GLN C 299 -16.01 -9.83 19.70
N ALA C 300 -14.83 -10.46 19.83
CA ALA C 300 -14.76 -11.74 20.52
C ALA C 300 -15.20 -11.61 21.97
N LEU C 301 -14.94 -10.45 22.60
CA LEU C 301 -15.40 -10.21 23.96
C LEU C 301 -16.91 -10.00 24.03
N GLN C 302 -17.56 -9.66 22.91
CA GLN C 302 -19.00 -9.44 22.90
C GLN C 302 -19.79 -10.70 22.56
N CYS C 303 -19.14 -11.80 22.23
CA CYS C 303 -19.85 -13.00 21.83
C CYS C 303 -20.46 -13.69 23.05
N GLU C 304 -21.33 -14.66 22.78
CA GLU C 304 -22.06 -15.33 23.86
C GLU C 304 -21.13 -16.03 24.82
N PHE C 305 -20.05 -16.63 24.29
CA PHE C 305 -19.19 -17.46 25.13
C PHE C 305 -18.36 -16.66 26.11
N LEU C 306 -18.11 -15.37 25.82
CA LEU C 306 -17.24 -14.55 26.65
C LEU C 306 -17.89 -13.29 27.20
N ARG C 307 -19.11 -12.95 26.78
CA ARG C 307 -19.66 -11.63 27.08
C ARG C 307 -19.76 -11.40 28.59
N ASP C 308 -20.37 -12.35 29.31
CA ASP C 308 -20.66 -12.19 30.73
C ASP C 308 -19.67 -12.91 31.63
N VAL C 309 -18.54 -13.37 31.10
CA VAL C 309 -17.57 -14.11 31.88
C VAL C 309 -16.78 -13.13 32.75
N GLU C 310 -16.78 -13.36 34.05
CA GLU C 310 -15.97 -12.59 34.99
C GLU C 310 -14.96 -13.50 35.68
N PRO C 311 -13.70 -13.51 35.23
CA PRO C 311 -12.73 -14.46 35.78
C PRO C 311 -12.46 -14.29 37.27
N SER C 312 -12.54 -13.06 37.78
CA SER C 312 -12.22 -12.80 39.18
C SER C 312 -13.16 -13.52 40.14
N LYS C 313 -14.27 -14.08 39.66
CA LYS C 313 -15.25 -14.76 40.50
C LYS C 313 -15.41 -16.23 40.12
N MET C 314 -14.32 -16.86 39.67
CA MET C 314 -14.38 -18.26 39.27
C MET C 314 -13.27 -19.06 39.93
N PRO C 315 -13.57 -20.24 40.44
CA PRO C 315 -12.54 -21.08 41.07
C PRO C 315 -11.49 -21.49 40.06
N PRO C 316 -10.21 -21.33 40.38
CA PRO C 316 -9.15 -21.68 39.44
C PRO C 316 -9.10 -23.18 39.23
N PRO C 317 -8.56 -23.63 38.10
CA PRO C 317 -8.35 -25.06 37.90
C PRO C 317 -7.23 -25.57 38.77
N ASP C 318 -7.35 -26.83 39.17
CA ASP C 318 -6.32 -27.45 39.99
C ASP C 318 -5.16 -27.86 39.10
N LEU C 319 -3.99 -27.34 39.41
CA LEU C 319 -2.77 -27.48 38.62
C LEU C 319 -1.73 -28.20 39.45
N PRO C 320 -0.67 -28.70 38.83
CA PRO C 320 0.44 -29.24 39.63
C PRO C 320 0.89 -28.20 40.64
N LEU C 321 0.71 -28.48 41.93
CA LEU C 321 1.11 -27.53 42.96
C LEU C 321 2.60 -27.22 42.92
N TRP C 322 3.37 -28.13 42.31
CA TRP C 322 4.83 -27.94 42.22
C TRP C 322 5.37 -28.68 40.99
N GLN C 323 6.62 -28.42 40.63
CA GLN C 323 7.25 -29.12 39.48
C GLN C 323 8.67 -29.52 39.89
N ASP C 324 9.16 -30.67 39.40
CA ASP C 324 10.51 -31.19 39.69
C ASP C 324 11.49 -30.54 38.71
N CYS C 325 11.65 -29.22 38.88
CA CYS C 325 12.52 -28.28 38.12
C CYS C 325 12.78 -28.81 36.70
N LYS D 22 7.77 6.38 35.40
CA LYS D 22 8.27 7.12 34.25
C LYS D 22 9.21 8.24 34.69
N PRO D 23 10.41 8.29 34.11
CA PRO D 23 11.38 9.30 34.52
C PRO D 23 10.99 10.70 34.07
N CYS D 24 11.74 11.68 34.56
CA CYS D 24 11.57 13.09 34.23
C CYS D 24 12.83 13.60 33.53
N TRP D 25 12.66 14.21 32.36
CA TRP D 25 13.79 14.54 31.49
C TRP D 25 13.87 16.03 31.16
N TYR D 26 13.43 16.92 32.06
CA TYR D 26 13.42 18.33 31.76
C TYR D 26 14.01 19.14 32.92
N TRP D 27 14.93 20.04 32.58
CA TRP D 27 15.65 20.89 33.52
C TRP D 27 15.33 22.36 33.26
N ASP D 28 15.59 23.18 34.26
CA ASP D 28 15.51 24.63 34.06
C ASP D 28 16.91 25.17 33.75
N LYS D 29 16.96 26.45 33.33
CA LYS D 29 18.22 27.04 32.94
C LYS D 29 19.23 27.06 34.09
N LYS D 30 18.75 27.07 35.33
CA LYS D 30 19.68 27.07 36.47
C LYS D 30 20.39 25.73 36.59
N ASP D 31 19.68 24.63 36.29
CA ASP D 31 20.30 23.32 36.37
C ASP D 31 21.27 23.10 35.20
N LEU D 32 21.03 23.73 34.05
CA LEU D 32 22.00 23.67 32.96
C LEU D 32 23.24 24.49 33.24
N ALA D 33 23.21 25.36 34.24
CA ALA D 33 24.39 26.08 34.70
C ALA D 33 25.11 25.33 35.82
N HIS D 34 24.75 24.08 36.06
CA HIS D 34 25.36 23.28 37.12
C HIS D 34 25.57 21.86 36.65
N THR D 35 25.95 21.71 35.38
CA THR D 35 26.21 20.39 34.83
C THR D 35 27.47 19.79 35.43
N PRO D 36 27.63 18.47 35.35
CA PRO D 36 28.87 17.84 35.83
C PRO D 36 30.11 18.41 35.17
N SER D 37 30.02 18.85 33.91
CA SER D 37 31.18 19.42 33.24
C SER D 37 31.58 20.74 33.88
N GLN D 38 30.61 21.61 34.18
CA GLN D 38 30.93 22.88 34.82
C GLN D 38 31.38 22.68 36.27
N LEU D 39 30.88 21.64 36.94
CA LEU D 39 31.36 21.34 38.28
C LEU D 39 32.83 20.97 38.27
N GLU D 40 33.33 20.44 37.15
CA GLU D 40 34.73 20.10 37.00
C GLU D 40 35.54 21.22 36.38
N GLY D 41 34.96 22.42 36.25
CA GLY D 41 35.69 23.59 35.82
C GLY D 41 35.49 24.01 34.38
N LEU D 42 34.75 23.25 33.58
CA LEU D 42 34.51 23.66 32.20
C LEU D 42 33.61 24.90 32.19
N ASP D 43 34.00 25.91 31.43
CA ASP D 43 33.21 27.12 31.42
C ASP D 43 32.02 26.96 30.47
N PRO D 44 30.96 27.74 30.69
CA PRO D 44 29.72 27.49 29.91
C PRO D 44 29.91 27.58 28.41
N ALA D 45 30.74 28.50 27.92
CA ALA D 45 30.94 28.62 26.48
C ALA D 45 31.55 27.35 25.90
N THR D 46 32.51 26.75 26.60
CA THR D 46 33.16 25.55 26.08
C THR D 46 32.21 24.37 26.09
N GLU D 47 31.37 24.24 27.12
CA GLU D 47 30.40 23.15 27.12
C GLU D 47 29.38 23.35 26.00
N ALA D 48 28.98 24.59 25.74
CA ALA D 48 28.07 24.85 24.64
C ALA D 48 28.69 24.46 23.30
N ARG D 49 29.99 24.73 23.13
CA ARG D 49 30.66 24.32 21.89
C ARG D 49 30.71 22.80 21.80
N TYR D 50 31.06 22.13 22.89
CA TYR D 50 31.13 20.66 22.89
C TYR D 50 29.77 20.06 22.54
N ARG D 51 28.68 20.69 22.98
CA ARG D 51 27.36 20.16 22.65
C ARG D 51 27.01 20.39 21.19
N ARG D 52 27.40 21.55 20.64
CA ARG D 52 27.19 21.80 19.21
C ARG D 52 27.98 20.81 18.37
N GLU D 53 29.28 20.65 18.67
CA GLU D 53 30.12 19.77 17.87
C GLU D 53 29.65 18.32 18.00
N GLY D 54 29.24 17.91 19.20
CA GLY D 54 28.74 16.55 19.38
C GLY D 54 27.46 16.30 18.61
N ALA D 55 26.51 17.25 18.68
CA ALA D 55 25.26 17.10 17.97
C ALA D 55 25.45 17.11 16.46
N ARG D 56 26.28 18.03 15.95
CA ARG D 56 26.53 18.06 14.52
C ARG D 56 27.31 16.84 14.05
N PHE D 57 28.19 16.30 14.90
CA PHE D 57 28.88 15.06 14.56
C PHE D 57 27.87 13.93 14.38
N ILE D 58 26.95 13.77 15.34
CA ILE D 58 25.89 12.79 15.19
C ILE D 58 25.09 13.08 13.92
N PHE D 59 24.85 14.35 13.63
CA PHE D 59 24.07 14.72 12.46
C PHE D 59 24.79 14.38 11.17
N ASP D 60 26.08 14.70 11.08
CA ASP D 60 26.80 14.48 9.83
C ASP D 60 27.07 13.00 9.60
N VAL D 61 27.39 12.26 10.66
CA VAL D 61 27.67 10.82 10.51
C VAL D 61 26.40 10.10 10.04
N GLY D 62 25.29 10.33 10.73
CA GLY D 62 24.05 9.67 10.36
C GLY D 62 23.52 10.12 9.01
N THR D 63 23.81 11.36 8.63
CA THR D 63 23.40 11.84 7.31
C THR D 63 24.13 11.08 6.20
N ARG D 64 25.44 10.89 6.35
CA ARG D 64 26.20 10.12 5.36
C ARG D 64 25.86 8.64 5.37
N LEU D 65 25.16 8.15 6.40
CA LEU D 65 24.68 6.78 6.43
C LEU D 65 23.23 6.68 5.99
N GLY D 66 22.62 7.77 5.56
CA GLY D 66 21.26 7.75 5.05
C GLY D 66 20.23 7.36 6.09
N LEU D 67 20.32 7.95 7.27
CA LEU D 67 19.45 7.59 8.38
C LEU D 67 18.26 8.53 8.48
N HIS D 68 17.15 7.98 8.96
CA HIS D 68 15.93 8.77 9.15
C HIS D 68 16.21 9.94 10.09
N TYR D 69 15.56 11.07 9.83
CA TYR D 69 15.78 12.25 10.65
C TYR D 69 15.37 12.03 12.10
N ASP D 70 14.40 11.15 12.35
CA ASP D 70 14.06 10.80 13.72
C ASP D 70 15.19 10.06 14.41
N THR D 71 15.91 9.21 13.66
CA THR D 71 17.04 8.50 14.23
C THR D 71 18.15 9.45 14.63
N LEU D 72 18.46 10.43 13.78
CA LEU D 72 19.44 11.45 14.14
C LEU D 72 19.01 12.20 15.39
N ALA D 73 17.74 12.59 15.47
CA ALA D 73 17.25 13.33 16.62
C ALA D 73 17.28 12.49 17.89
N THR D 74 17.01 11.19 17.78
CA THR D 74 17.04 10.34 18.97
C THR D 74 18.46 10.16 19.49
N GLY D 75 19.44 10.02 18.59
CA GLY D 75 20.82 9.93 19.03
C GLY D 75 21.29 11.20 19.69
N ILE D 76 20.84 12.35 19.20
CA ILE D 76 21.26 13.63 19.75
C ILE D 76 20.63 13.86 21.13
N ILE D 77 19.38 13.43 21.31
CA ILE D 77 18.74 13.58 22.60
C ILE D 77 19.40 12.68 23.64
N TYR D 78 19.76 11.45 23.25
CA TYR D 78 20.56 10.62 24.14
C TYR D 78 21.86 11.31 24.52
N PHE D 79 22.47 12.01 23.56
CA PHE D 79 23.75 12.66 23.78
C PHE D 79 23.62 13.79 24.81
N HIS D 80 22.58 14.62 24.68
CA HIS D 80 22.40 15.73 25.61
C HIS D 80 22.10 15.22 27.01
N ARG D 81 21.28 14.18 27.12
CA ARG D 81 20.95 13.64 28.44
C ARG D 81 22.16 12.99 29.08
N PHE D 82 23.04 12.39 28.28
CA PHE D 82 24.23 11.74 28.84
C PHE D 82 25.07 12.73 29.62
N TYR D 83 25.24 13.95 29.09
CA TYR D 83 26.09 14.95 29.71
C TYR D 83 25.36 15.83 30.71
N MET D 84 24.17 15.43 31.14
CA MET D 84 23.58 15.93 32.37
C MET D 84 23.98 15.07 33.57
N PHE D 85 24.60 13.91 33.33
CA PHE D 85 25.05 13.02 34.38
C PHE D 85 26.53 12.70 34.32
N HIS D 86 27.22 13.04 33.24
CA HIS D 86 28.65 12.81 33.10
C HIS D 86 29.32 14.06 32.57
N SER D 87 30.63 14.14 32.78
CA SER D 87 31.41 15.32 32.42
C SER D 87 32.14 15.11 31.11
N PHE D 88 32.25 16.18 30.32
CA PHE D 88 33.01 16.12 29.07
C PHE D 88 34.49 15.86 29.32
N LYS D 89 34.99 16.14 30.51
CA LYS D 89 36.40 15.88 30.82
C LYS D 89 36.68 14.41 31.07
N GLN D 90 35.65 13.62 31.43
CA GLN D 90 35.83 12.19 31.64
C GLN D 90 35.34 11.34 30.48
N PHE D 91 34.56 11.90 29.57
CA PHE D 91 34.01 11.15 28.44
C PHE D 91 34.16 11.96 27.16
N PRO D 92 35.06 11.58 26.26
CA PRO D 92 35.20 12.32 24.99
C PRO D 92 33.90 12.31 24.21
N ARG D 93 33.61 13.45 23.58
CA ARG D 93 32.28 13.69 23.06
C ARG D 93 31.98 12.85 21.82
N TYR D 94 32.96 12.69 20.93
CA TYR D 94 32.69 11.96 19.69
C TYR D 94 32.50 10.47 19.94
N VAL D 95 33.17 9.92 20.94
CA VAL D 95 32.92 8.52 21.30
C VAL D 95 31.49 8.38 21.80
N THR D 96 31.03 9.32 22.63
CA THR D 96 29.66 9.28 23.11
C THR D 96 28.66 9.49 21.97
N GLY D 97 28.98 10.36 21.02
CA GLY D 97 28.08 10.58 19.90
C GLY D 97 27.92 9.34 19.04
N ALA D 98 29.03 8.66 18.73
CA ALA D 98 28.94 7.43 17.97
C ALA D 98 28.15 6.37 18.73
N CYS D 99 28.31 6.32 20.05
CA CYS D 99 27.57 5.34 20.84
C CYS D 99 26.09 5.66 20.88
N CYS D 100 25.74 6.95 20.98
CA CYS D 100 24.34 7.34 21.03
C CYS D 100 23.65 7.08 19.69
N LEU D 101 24.33 7.39 18.58
CA LEU D 101 23.76 7.10 17.26
C LEU D 101 23.62 5.61 17.06
N PHE D 102 24.58 4.83 17.54
CA PHE D 102 24.50 3.37 17.42
C PHE D 102 23.31 2.82 18.19
N LEU D 103 23.10 3.30 19.42
CA LEU D 103 21.93 2.85 20.17
C LEU D 103 20.64 3.32 19.54
N ALA D 104 20.63 4.55 18.99
CA ALA D 104 19.42 5.09 18.40
C ALA D 104 18.98 4.27 17.20
N GLY D 105 19.93 3.78 16.40
CA GLY D 105 19.57 2.97 15.24
C GLY D 105 18.80 1.73 15.59
N LYS D 106 19.18 1.05 16.68
CA LYS D 106 18.43 -0.13 17.09
C LYS D 106 17.10 0.23 17.73
N VAL D 107 17.02 1.39 18.40
CA VAL D 107 15.77 1.79 19.03
C VAL D 107 14.74 2.19 17.97
N GLU D 108 15.19 2.87 16.91
CA GLU D 108 14.31 3.34 15.85
C GLU D 108 14.19 2.34 14.71
N GLU D 109 14.61 1.09 14.91
CA GLU D 109 14.47 0.03 13.92
C GLU D 109 15.13 0.37 12.59
N THR D 110 16.22 1.14 12.63
CA THR D 110 17.06 1.41 11.46
C THR D 110 18.50 1.09 11.82
N PRO D 111 18.81 -0.18 12.07
CA PRO D 111 20.14 -0.54 12.59
C PRO D 111 21.25 -0.24 11.59
N LYS D 112 22.41 0.09 12.15
CA LYS D 112 23.64 0.25 11.39
C LYS D 112 24.76 -0.45 12.14
N LYS D 113 25.59 -1.19 11.42
CA LYS D 113 26.71 -1.87 12.05
C LYS D 113 27.68 -0.85 12.64
N CYS D 114 28.20 -1.15 13.83
CA CYS D 114 29.10 -0.21 14.50
C CYS D 114 30.35 0.02 13.67
N LYS D 115 30.82 -1.01 12.97
CA LYS D 115 31.95 -0.87 12.08
C LYS D 115 31.71 0.22 11.04
N ASP D 116 30.46 0.35 10.57
CA ASP D 116 30.15 1.38 9.59
C ASP D 116 30.13 2.77 10.23
N ILE D 117 29.65 2.86 11.47
CA ILE D 117 29.67 4.14 12.18
C ILE D 117 31.10 4.60 12.38
N ILE D 118 31.97 3.68 12.82
CA ILE D 118 33.39 4.03 13.00
C ILE D 118 34.02 4.44 11.69
N LYS D 119 33.70 3.71 10.62
CA LYS D 119 34.24 4.05 9.29
C LYS D 119 33.84 5.46 8.89
N THR D 120 32.56 5.81 9.06
CA THR D 120 32.10 7.16 8.72
C THR D 120 32.74 8.20 9.62
N ALA D 121 32.92 7.87 10.90
CA ALA D 121 33.55 8.81 11.82
C ALA D 121 34.98 9.12 11.41
N ARG D 122 35.74 8.09 11.02
CA ARG D 122 37.11 8.33 10.57
C ARG D 122 37.14 9.25 9.37
N SER D 123 36.10 9.19 8.52
CA SER D 123 36.07 9.99 7.30
C SER D 123 35.77 11.46 7.60
N LEU D 124 35.05 11.74 8.69
CA LEU D 124 34.62 13.09 8.98
C LEU D 124 35.50 13.81 10.00
N LEU D 125 36.29 13.09 10.80
CA LEU D 125 37.09 13.68 11.85
C LEU D 125 38.55 13.80 11.41
N ASN D 126 39.21 14.87 11.85
CA ASN D 126 40.65 14.99 11.65
C ASN D 126 41.38 14.08 12.64
N ASP D 127 42.72 14.08 12.56
CA ASP D 127 43.49 13.15 13.38
C ASP D 127 43.38 13.45 14.87
N VAL D 128 43.23 14.73 15.24
CA VAL D 128 43.10 15.06 16.67
C VAL D 128 41.73 14.65 17.18
N GLN D 129 40.69 14.85 16.37
CA GLN D 129 39.34 14.47 16.79
C GLN D 129 39.19 12.96 16.88
N PHE D 130 39.65 12.24 15.86
CA PHE D 130 39.54 10.78 15.89
C PHE D 130 40.47 10.15 16.92
N GLY D 131 41.42 10.90 17.46
CA GLY D 131 42.24 10.37 18.54
C GLY D 131 41.45 10.00 19.78
N GLN D 132 40.24 10.56 19.92
CA GLN D 132 39.39 10.22 21.06
C GLN D 132 39.01 8.73 21.08
N PHE D 133 39.04 8.07 19.92
CA PHE D 133 38.64 6.66 19.84
C PHE D 133 39.74 5.69 20.24
N GLY D 134 40.93 6.18 20.58
CA GLY D 134 41.97 5.31 21.10
C GLY D 134 42.51 4.29 20.09
N ASP D 135 43.09 3.24 20.65
CA ASP D 135 43.67 2.18 19.81
C ASP D 135 42.59 1.37 19.11
N ASP D 136 41.55 0.98 19.84
CA ASP D 136 40.47 0.18 19.29
C ASP D 136 39.21 1.03 19.20
N PRO D 137 38.92 1.63 18.04
CA PRO D 137 37.76 2.55 17.99
C PRO D 137 36.44 1.85 18.23
N LYS D 138 36.28 0.61 17.72
CA LYS D 138 35.00 -0.08 17.87
C LYS D 138 34.76 -0.46 19.33
N GLU D 139 35.78 -0.97 20.01
CA GLU D 139 35.61 -1.41 21.39
C GLU D 139 35.31 -0.25 22.32
N GLU D 140 35.87 0.93 22.03
CA GLU D 140 35.60 2.08 22.87
C GLU D 140 34.13 2.48 22.82
N VAL D 141 33.49 2.31 21.66
CA VAL D 141 32.07 2.63 21.54
C VAL D 141 31.22 1.54 22.19
N MET D 142 31.61 0.28 22.03
CA MET D 142 30.78 -0.81 22.53
C MET D 142 30.74 -0.84 24.05
N VAL D 143 31.90 -0.69 24.71
CA VAL D 143 31.92 -0.74 26.16
C VAL D 143 31.20 0.45 26.76
N LEU D 144 31.02 1.54 26.00
CA LEU D 144 30.27 2.69 26.48
C LEU D 144 28.76 2.48 26.47
N GLU D 145 28.27 1.54 25.65
CA GLU D 145 26.83 1.34 25.54
C GLU D 145 26.21 0.95 26.88
N ARG D 146 26.92 0.15 27.67
CA ARG D 146 26.41 -0.22 28.98
C ARG D 146 26.18 1.01 29.85
N ILE D 147 27.12 1.95 29.83
CA ILE D 147 26.99 3.15 30.63
C ILE D 147 25.86 4.03 30.11
N LEU D 148 25.75 4.15 28.78
CA LEU D 148 24.71 4.98 28.19
C LEU D 148 23.31 4.47 28.55
N LEU D 149 23.11 3.15 28.47
CA LEU D 149 21.80 2.60 28.79
C LEU D 149 21.43 2.86 30.24
N GLN D 150 22.38 2.72 31.16
CA GLN D 150 22.10 3.02 32.56
C GLN D 150 21.84 4.50 32.76
N THR D 151 22.56 5.37 32.03
CA THR D 151 22.40 6.80 32.22
C THR D 151 21.01 7.28 31.82
N ILE D 152 20.49 6.79 30.70
CA ILE D 152 19.16 7.19 30.24
C ILE D 152 18.09 6.35 30.92
N LYS D 153 18.49 5.49 31.85
CA LYS D 153 17.55 4.72 32.66
C LYS D 153 16.61 3.87 31.79
N PHE D 154 17.13 3.39 30.66
CA PHE D 154 16.37 2.53 29.74
C PHE D 154 15.07 3.19 29.28
N ASP D 155 15.01 4.51 29.27
CA ASP D 155 13.87 5.24 28.71
C ASP D 155 14.18 5.56 27.25
N LEU D 156 13.90 4.58 26.39
CA LEU D 156 14.37 4.61 25.02
C LEU D 156 13.46 5.42 24.10
N GLN D 157 12.16 5.46 24.38
CA GLN D 157 11.20 6.12 23.51
C GLN D 157 11.26 7.63 23.67
N VAL D 158 11.53 8.34 22.57
CA VAL D 158 11.55 9.80 22.55
C VAL D 158 10.80 10.29 21.32
N GLU D 159 10.14 11.43 21.46
CA GLU D 159 9.44 12.08 20.36
C GLU D 159 10.10 13.42 20.06
N HIS D 160 9.97 13.85 18.81
CA HIS D 160 10.72 14.99 18.29
C HIS D 160 9.77 16.02 17.70
N PRO D 161 10.23 17.25 17.51
CA PRO D 161 9.33 18.31 17.03
C PRO D 161 8.87 18.14 15.58
N TYR D 162 9.53 17.29 14.80
CA TYR D 162 9.19 17.19 13.38
C TYR D 162 7.74 16.76 13.19
N GLN D 163 7.33 15.69 13.88
CA GLN D 163 5.98 15.17 13.69
C GLN D 163 4.92 16.19 14.08
N PHE D 164 5.17 16.98 15.12
CA PHE D 164 4.21 17.99 15.53
C PHE D 164 4.23 19.20 14.61
N LEU D 165 5.39 19.54 14.04
CA LEU D 165 5.46 20.61 13.05
C LEU D 165 4.59 20.30 11.84
N LEU D 166 4.61 19.04 11.38
CA LEU D 166 3.77 18.66 10.25
C LEU D 166 2.30 18.62 10.65
N LYS D 167 2.00 18.07 11.82
CA LYS D 167 0.60 17.98 12.25
C LYS D 167 -0.02 19.35 12.46
N TYR D 168 0.73 20.28 13.08
CA TYR D 168 0.17 21.60 13.36
C TYR D 168 -0.01 22.41 12.08
N ALA D 169 0.94 22.31 11.15
CA ALA D 169 0.84 23.09 9.92
C ALA D 169 -0.25 22.57 9.01
N LYS D 170 -0.60 21.28 9.11
CA LYS D 170 -1.65 20.72 8.29
C LYS D 170 -3.01 21.37 8.57
N GLN D 171 -3.18 22.00 9.73
CA GLN D 171 -4.42 22.68 10.07
C GLN D 171 -4.35 24.19 9.80
N LEU D 172 -3.38 24.63 9.00
CA LEU D 172 -3.32 25.99 8.49
C LEU D 172 -3.82 25.99 7.06
N LYS D 173 -4.59 27.00 6.64
CA LYS D 173 -5.09 26.91 5.24
C LYS D 173 -5.08 28.25 4.49
N GLY D 174 -4.47 29.30 5.04
CA GLY D 174 -4.53 30.62 4.37
C GLY D 174 -3.89 30.68 2.99
N ASP D 175 -2.68 30.14 2.80
CA ASP D 175 -1.96 30.26 1.50
C ASP D 175 -0.94 29.12 1.37
N LYS D 176 -0.88 28.49 0.20
CA LYS D 176 0.01 27.33 0.04
C LYS D 176 1.46 27.75 -0.01
N ASN D 177 1.80 28.73 -0.84
CA ASN D 177 3.20 29.13 -1.00
C ASN D 177 3.78 29.67 0.30
N LYS D 178 2.98 30.38 1.08
CA LYS D 178 3.48 30.96 2.33
C LYS D 178 3.58 29.92 3.44
N ILE D 179 2.71 28.92 3.44
CA ILE D 179 2.77 27.88 4.47
C ILE D 179 3.97 26.97 4.24
N GLN D 180 4.19 26.54 2.99
CA GLN D 180 5.32 25.66 2.73
C GLN D 180 6.65 26.38 2.98
N LYS D 181 6.71 27.68 2.74
CA LYS D 181 7.91 28.44 3.09
C LYS D 181 8.09 28.47 4.61
N LEU D 182 6.98 28.54 5.36
CA LEU D 182 7.07 28.50 6.81
C LEU D 182 7.53 27.13 7.29
N VAL D 183 6.96 26.07 6.75
CA VAL D 183 7.29 24.71 7.18
C VAL D 183 8.77 24.41 6.92
N GLN D 184 9.25 24.74 5.71
CA GLN D 184 10.65 24.44 5.39
C GLN D 184 11.60 25.24 6.27
N MET D 185 11.28 26.52 6.50
CA MET D 185 12.15 27.34 7.34
C MET D 185 12.09 26.88 8.78
N ALA D 186 10.91 26.49 9.26
CA ALA D 186 10.79 25.95 10.61
C ALA D 186 11.50 24.60 10.73
N TRP D 187 11.51 23.81 9.67
CA TRP D 187 12.21 22.53 9.70
C TRP D 187 13.71 22.73 9.92
N THR D 188 14.29 23.70 9.23
CA THR D 188 15.71 24.00 9.43
C THR D 188 15.97 24.43 10.87
N PHE D 189 15.04 25.18 11.46
CA PHE D 189 15.20 25.62 12.84
C PHE D 189 15.14 24.47 13.83
N VAL D 190 14.39 23.41 13.50
CA VAL D 190 14.37 22.23 14.37
C VAL D 190 15.74 21.56 14.36
N ASN D 191 16.36 21.43 13.19
CA ASN D 191 17.71 20.87 13.14
C ASN D 191 18.68 21.70 13.97
N ASP D 192 18.59 23.03 13.89
CA ASP D 192 19.48 23.88 14.66
C ASP D 192 19.22 23.75 16.16
N SER D 193 17.95 23.63 16.56
CA SER D 193 17.63 23.51 17.98
C SER D 193 18.27 22.28 18.61
N LEU D 194 18.56 21.24 17.81
CA LEU D 194 19.20 20.05 18.34
C LEU D 194 20.65 20.28 18.74
N CYS D 195 21.25 21.40 18.33
CA CYS D 195 22.59 21.76 18.77
C CYS D 195 22.60 22.42 20.14
N THR D 196 21.42 22.76 20.67
CA THR D 196 21.29 23.40 21.96
C THR D 196 20.69 22.42 22.97
N THR D 197 20.47 22.90 24.19
CA THR D 197 19.86 22.11 25.24
C THR D 197 18.34 22.27 25.26
N LEU D 198 17.75 22.81 24.19
CA LEU D 198 16.32 23.05 24.17
C LEU D 198 15.52 21.77 24.40
N SER D 199 16.01 20.65 23.88
CA SER D 199 15.32 19.37 24.08
C SER D 199 15.35 18.93 25.54
N LEU D 200 16.25 19.48 26.35
CA LEU D 200 16.24 19.23 27.78
C LEU D 200 15.36 20.21 28.54
N GLN D 201 14.91 21.27 27.90
CA GLN D 201 14.12 22.32 28.53
C GLN D 201 12.63 22.20 28.25
N TRP D 202 12.25 21.96 26.99
CA TRP D 202 10.86 22.01 26.59
C TRP D 202 10.45 20.76 25.83
N GLU D 203 9.18 20.40 25.99
CA GLU D 203 8.62 19.26 25.30
C GLU D 203 8.66 19.49 23.80
N PRO D 204 8.73 18.43 22.99
CA PRO D 204 8.83 18.64 21.53
C PRO D 204 7.62 19.35 20.94
N GLU D 205 6.44 19.21 21.52
CA GLU D 205 5.29 19.96 21.03
C GLU D 205 5.52 21.46 21.13
N ILE D 206 6.16 21.90 22.20
CA ILE D 206 6.40 23.32 22.40
C ILE D 206 7.48 23.83 21.45
N ILE D 207 8.53 23.04 21.24
CA ILE D 207 9.58 23.43 20.30
C ILE D 207 9.00 23.59 18.90
N ALA D 208 8.08 22.70 18.51
CA ALA D 208 7.45 22.80 17.19
C ALA D 208 6.73 24.13 17.03
N VAL D 209 5.92 24.50 18.02
CA VAL D 209 5.21 25.78 17.96
C VAL D 209 6.19 26.93 17.89
N ALA D 210 7.30 26.85 18.63
CA ALA D 210 8.23 27.97 18.69
C ALA D 210 8.92 28.21 17.35
N VAL D 211 9.28 27.15 16.63
CA VAL D 211 9.97 27.35 15.36
C VAL D 211 8.99 27.83 14.29
N MET D 212 7.72 27.43 14.38
CA MET D 212 6.71 28.04 13.53
C MET D 212 6.58 29.52 13.87
N TYR D 213 6.59 29.86 15.16
CA TYR D 213 6.52 31.24 15.58
C TYR D 213 7.72 32.04 15.07
N LEU D 214 8.93 31.47 15.21
CA LEU D 214 10.12 32.17 14.74
C LEU D 214 10.11 32.32 13.22
N ALA D 215 9.77 31.24 12.50
CA ALA D 215 9.71 31.33 11.04
C ALA D 215 8.68 32.35 10.58
N GLY D 216 7.55 32.46 11.29
CA GLY D 216 6.56 33.46 10.93
C GLY D 216 7.05 34.88 11.13
N ARG D 217 7.87 35.10 12.17
CA ARG D 217 8.41 36.43 12.41
C ARG D 217 9.40 36.85 11.32
N LEU D 218 10.31 35.95 10.95
CA LEU D 218 11.32 36.30 9.95
C LEU D 218 10.70 36.47 8.56
N CYS D 219 9.59 35.79 8.29
CA CYS D 219 8.89 35.91 7.02
C CYS D 219 7.89 37.06 7.00
N LYS D 220 7.67 37.72 8.14
CA LYS D 220 6.66 38.77 8.27
C LYS D 220 5.25 38.25 8.01
N PHE D 221 5.05 36.94 8.08
CA PHE D 221 3.71 36.38 8.03
C PHE D 221 3.01 36.51 9.38
N GLU D 222 1.68 36.66 9.34
CA GLU D 222 0.83 36.58 10.52
C GLU D 222 0.05 35.28 10.43
N ILE D 223 0.41 34.33 11.30
CA ILE D 223 -0.12 32.98 11.20
C ILE D 223 -1.59 32.90 11.58
N GLN D 224 -2.09 33.84 12.39
CA GLN D 224 -3.50 33.79 12.78
C GLN D 224 -4.41 33.90 11.58
N GLU D 225 -3.98 34.62 10.54
CA GLU D 225 -4.78 34.74 9.32
C GLU D 225 -5.11 33.38 8.71
N TRP D 226 -4.31 32.36 9.02
CA TRP D 226 -4.48 31.03 8.46
C TRP D 226 -5.26 30.12 9.39
N THR D 227 -5.76 30.63 10.51
CA THR D 227 -6.55 29.88 11.46
C THR D 227 -8.04 30.05 11.18
N SER D 228 -8.85 29.18 11.80
CA SER D 228 -10.30 29.34 11.72
C SER D 228 -10.78 30.57 12.47
N LYS D 229 -10.00 31.06 13.43
CA LYS D 229 -10.30 32.27 14.18
C LYS D 229 -9.31 33.38 13.84
N PRO D 230 -9.51 34.10 12.74
CA PRO D 230 -8.43 34.96 12.23
C PRO D 230 -8.10 36.12 13.15
N MET D 231 -9.03 36.56 14.00
CA MET D 231 -8.82 37.76 14.81
C MET D 231 -8.02 37.50 16.09
N TYR D 232 -7.82 36.25 16.50
CA TYR D 232 -7.09 35.95 17.72
C TYR D 232 -5.61 35.73 17.40
N ARG D 233 -4.75 36.55 18.01
CA ARG D 233 -3.32 36.52 17.71
C ARG D 233 -2.61 35.31 18.31
N ARG D 234 -3.17 34.70 19.34
CA ARG D 234 -2.53 33.55 20.00
C ARG D 234 -2.92 32.25 19.31
N TRP D 235 -2.51 32.17 18.03
CA TRP D 235 -2.86 31.04 17.18
C TRP D 235 -2.38 29.70 17.73
N TRP D 236 -1.37 29.70 18.60
CA TRP D 236 -0.77 28.44 19.03
C TRP D 236 -1.52 27.77 20.17
N GLU D 237 -2.42 28.48 20.85
CA GLU D 237 -3.19 27.88 21.92
C GLU D 237 -4.19 26.84 21.39
N GLN D 238 -4.31 26.72 20.08
CA GLN D 238 -5.05 25.63 19.46
C GLN D 238 -4.26 24.33 19.44
N PHE D 239 -2.93 24.41 19.58
CA PHE D 239 -2.06 23.24 19.58
C PHE D 239 -1.52 22.87 20.95
N VAL D 240 -1.04 23.84 21.73
CA VAL D 240 -0.49 23.59 23.06
C VAL D 240 -1.17 24.50 24.06
N GLN D 241 -1.34 24.00 25.28
CA GLN D 241 -2.12 24.66 26.31
C GLN D 241 -1.22 25.45 27.25
N ASP D 242 -1.62 26.70 27.52
CA ASP D 242 -0.97 27.53 28.54
C ASP D 242 0.52 27.71 28.27
N VAL D 243 0.85 28.15 27.06
CA VAL D 243 2.21 28.52 26.71
C VAL D 243 2.27 30.02 26.49
N PRO D 244 2.82 30.80 27.41
CA PRO D 244 2.87 32.25 27.21
C PRO D 244 3.87 32.61 26.11
N VAL D 245 3.63 33.78 25.50
CA VAL D 245 4.46 34.20 24.38
C VAL D 245 5.90 34.37 24.81
N ASP D 246 6.14 34.68 26.08
CA ASP D 246 7.50 34.87 26.57
C ASP D 246 8.31 33.59 26.42
N VAL D 247 7.68 32.44 26.61
CA VAL D 247 8.38 31.16 26.43
C VAL D 247 8.83 31.00 24.99
N LEU D 248 7.93 31.31 24.04
CA LEU D 248 8.30 31.21 22.63
C LEU D 248 9.40 32.21 22.29
N GLU D 249 9.35 33.40 22.89
CA GLU D 249 10.37 34.41 22.65
C GLU D 249 11.74 33.92 23.09
N ASP D 250 11.82 33.26 24.24
CA ASP D 250 13.12 32.82 24.74
C ASP D 250 13.68 31.67 23.90
N ILE D 251 12.82 30.75 23.47
CA ILE D 251 13.29 29.65 22.62
C ILE D 251 13.84 30.20 21.31
N CYS D 252 13.18 31.20 20.73
CA CYS D 252 13.68 31.80 19.51
C CYS D 252 15.06 32.41 19.71
N HIS D 253 15.27 33.06 20.86
CA HIS D 253 16.56 33.70 21.12
C HIS D 253 17.68 32.67 21.25
N GLN D 254 17.40 31.52 21.85
CA GLN D 254 18.43 30.48 21.93
C GLN D 254 18.79 29.95 20.56
N ILE D 255 17.83 29.90 19.64
CA ILE D 255 18.09 29.41 18.29
C ILE D 255 18.88 30.45 17.50
N LEU D 256 18.46 31.72 17.58
CA LEU D 256 19.17 32.78 16.87
C LEU D 256 20.56 33.01 17.43
N ASP D 257 20.85 32.54 18.65
CA ASP D 257 22.20 32.62 19.18
C ASP D 257 23.18 31.83 18.34
N LEU D 258 22.73 30.75 17.70
CA LEU D 258 23.60 30.00 16.80
C LEU D 258 24.05 30.86 15.62
N TYR D 259 23.28 31.90 15.29
CA TYR D 259 23.64 32.90 14.30
C TYR D 259 24.11 34.19 14.97
N SER D 260 24.73 34.08 16.16
CA SER D 260 24.89 35.23 17.04
C SER D 260 25.50 36.43 16.33
N GLN D 261 26.60 36.24 15.62
CA GLN D 261 27.14 37.32 14.79
C GLN D 261 27.11 36.92 13.31
N GLY D 262 28.19 36.27 12.87
CA GLY D 262 28.28 35.73 11.54
C GLY D 262 28.75 34.30 11.56
N LYS D 263 28.44 33.58 12.65
CA LYS D 263 28.84 32.19 12.75
C LYS D 263 28.15 31.36 11.69
N GLN D 264 26.85 31.59 11.48
CA GLN D 264 26.04 30.89 10.51
C GLN D 264 25.18 31.91 9.79
N GLN D 265 25.17 31.87 8.46
CA GLN D 265 24.26 32.71 7.71
C GLN D 265 22.82 32.30 7.97
N MET D 266 21.92 33.28 8.00
CA MET D 266 20.56 33.06 8.40
C MET D 266 19.76 32.36 7.30
N PRO D 267 18.78 31.55 7.68
CA PRO D 267 17.77 31.13 6.70
C PRO D 267 16.88 32.30 6.30
N HIS D 268 16.27 32.18 5.13
CA HIS D 268 15.49 33.27 4.58
C HIS D 268 14.42 32.79 3.60
N1 5I1 E . -3.16 12.91 -36.47
C2 5I1 E . -1.83 12.75 -36.67
N3 5I1 E . -1.08 11.81 -36.05
C4 5I1 E . -1.67 11.00 -35.16
C5 5I1 E . -3.03 11.11 -34.91
CL5 5I1 E . -3.81 10.08 -33.78
C6 5I1 E . -3.74 12.10 -35.59
CAB 5I1 E . 0.65 14.51 -38.84
NAD 5I1 E . 2.11 14.66 -38.84
OAE 5I1 E . 2.49 13.92 -40.93
CAG 5I1 E . 11.73 14.67 -34.52
CAH 5I1 E . 2.92 14.28 -39.84
CAI 5I1 E . -0.82 10.02 -34.51
CAJ 5I1 E . 7.14 14.49 -39.20
CAK 5I1 E . 6.57 15.05 -40.34
CAL 5I1 E . 5.22 14.97 -40.54
CAM 5I1 E . 4.40 14.36 -39.61
CAN 5I1 E . 4.95 13.80 -38.48
CAO 5I1 E . 6.31 13.87 -38.26
CAP 5I1 E . 9.38 15.51 -39.45
NAR 5I1 E . 12.01 15.53 -35.68
CAT 5I1 E . 0.75 14.30 -36.34
OAU 5I1 E . 9.01 16.56 -39.95
CAV 5I1 E . 0.49 9.59 -34.97
CAW 5I1 E . 0.94 8.62 -34.05
CAX 5I1 E . 2.18 7.99 -34.17
CAY 5I1 E . 2.96 8.35 -35.24
CAZ 5I1 E . 2.53 9.29 -36.17
CBA 5I1 E . 2.27 14.48 -36.42
NBB 5I1 E . -1.23 13.56 -37.56
CBD 5I1 E . 1.31 9.92 -36.05
CBE 5I1 E . -1.06 9.30 -33.36
CBG 5I1 E . 2.62 15.29 -37.63
CBH 5I1 E . 0.22 13.68 -37.62
NBI 5I1 E . 8.53 14.57 -38.97
CBJ 5I1 E . 10.84 15.16 -39.30
NBK 5I1 E . -0.03 8.48 -33.09
CBL 5I1 E . 11.51 15.81 -38.11
CBM 5I1 E . 11.12 15.20 -36.79
CBN 5I1 E . 13.41 15.38 -36.08
N1 5I1 F . 7.58 -16.67 34.40
C2 5I1 F . 8.03 -17.75 33.80
N3 5I1 F . 8.58 -17.67 32.60
C4 5I1 F . 8.70 -16.53 31.95
C5 5I1 F . 8.23 -15.36 32.57
CL5 5I1 F . 8.34 -13.75 31.81
C6 5I1 F . 7.67 -15.48 33.83
CAB 5I1 F . 7.76 -21.53 34.45
NAD 5I1 F . 7.73 -22.76 33.58
OAE 5I1 F . 8.42 -24.85 32.96
CAG 5I1 F . 13.85 -24.81 44.63
CAH 5I1 F . 8.57 -23.94 33.72
CAI 5I1 F . 9.35 -16.55 30.56
CAJ 5I1 F . 11.56 -24.34 36.84
CAK 5I1 F . 10.28 -23.89 37.13
CAL 5I1 F . 9.33 -23.76 36.13
CAM 5I1 F . 9.64 -24.08 34.82
CAN 5I1 F . 10.91 -24.55 34.52
CAO 5I1 F . 11.87 -24.68 35.53
CAP 5I1 F . 12.27 -24.24 39.30
NAR 5I1 F . 13.16 -24.82 43.35
CAT 5I1 F . 6.90 -20.13 32.57
OAU 5I1 F . 11.16 -23.95 39.61
CAV 5I1 F . 10.21 -17.58 30.06
CAW 5I1 F . 10.58 -17.22 28.79
CAX 5I1 F . 11.44 -18.06 28.03
CAY 5I1 F . 11.91 -19.24 28.57
CAZ 5I1 F . 11.54 -19.62 29.87
CBA 5I1 F . 6.84 -21.32 31.69
NBB 5I1 F . 7.93 -19.05 34.45
CBD 5I1 F . 10.70 -18.79 30.61
CBE 5I1 F . 9.26 -15.63 29.53
CBG 5I1 F . 6.66 -22.61 32.52
CBH 5I1 F . 7.97 -20.27 33.60
NBI 5I1 F . 12.58 -24.49 37.89
CBJ 5I1 F . 13.30 -24.48 40.40
NBK 5I1 F . 9.99 -16.03 28.50
CBL 5I1 F . 13.09 -25.84 41.08
CBM 5I1 F . 13.66 -25.90 42.48
CBN 5I1 F . 11.71 -24.90 43.50
#